data_3CBH
# 
_entry.id   3CBH 
# 
_audit_conform.dict_name       mmcif_pdbx.dic 
_audit_conform.dict_version    5.387 
_audit_conform.dict_location   http://mmcif.pdb.org/dictionaries/ascii/mmcif_pdbx.dic 
# 
loop_
_database_2.database_id 
_database_2.database_code 
_database_2.pdbx_database_accession 
_database_2.pdbx_DOI 
PDB   3CBH         pdb_00003cbh 10.2210/pdb3cbh/pdb 
WWPDB D_1000178903 ?            ?                   
# 
loop_
_pdbx_audit_revision_history.ordinal 
_pdbx_audit_revision_history.data_content_type 
_pdbx_audit_revision_history.major_revision 
_pdbx_audit_revision_history.minor_revision 
_pdbx_audit_revision_history.revision_date 
1 'Structure model' 1 0 1991-01-15 
2 'Structure model' 1 1 2008-03-25 
3 'Structure model' 1 2 2011-07-13 
4 'Structure model' 1 3 2024-02-21 
# 
_pdbx_audit_revision_details.ordinal             1 
_pdbx_audit_revision_details.revision_ordinal    1 
_pdbx_audit_revision_details.data_content_type   'Structure model' 
_pdbx_audit_revision_details.provider            repository 
_pdbx_audit_revision_details.type                'Initial release' 
_pdbx_audit_revision_details.description         ? 
_pdbx_audit_revision_details.details             ? 
# 
loop_
_pdbx_audit_revision_group.ordinal 
_pdbx_audit_revision_group.revision_ordinal 
_pdbx_audit_revision_group.data_content_type 
_pdbx_audit_revision_group.group 
1 2 'Structure model' 'Version format compliance' 
2 3 'Structure model' 'Version format compliance' 
3 4 'Structure model' 'Data collection'           
4 4 'Structure model' 'Database references'       
5 4 'Structure model' Other                       
# 
loop_
_pdbx_audit_revision_category.ordinal 
_pdbx_audit_revision_category.revision_ordinal 
_pdbx_audit_revision_category.data_content_type 
_pdbx_audit_revision_category.category 
1 4 'Structure model' chem_comp_atom       
2 4 'Structure model' chem_comp_bond       
3 4 'Structure model' database_2           
4 4 'Structure model' pdbx_database_status 
# 
loop_
_pdbx_audit_revision_item.ordinal 
_pdbx_audit_revision_item.revision_ordinal 
_pdbx_audit_revision_item.data_content_type 
_pdbx_audit_revision_item.item 
1 4 'Structure model' '_database_2.pdbx_DOI'                
2 4 'Structure model' '_database_2.pdbx_database_accession' 
3 4 'Structure model' '_pdbx_database_status.process_site'  
# 
_pdbx_database_status.status_code                     REL 
_pdbx_database_status.entry_id                        3CBH 
_pdbx_database_status.recvd_initial_deposition_date   1990-08-06 
_pdbx_database_status.deposit_site                    ? 
_pdbx_database_status.process_site                    BNL 
_pdbx_database_status.SG_entry                        . 
_pdbx_database_status.pdb_format_compatible           Y 
_pdbx_database_status.status_code_mr                  ? 
_pdbx_database_status.status_code_sf                  ? 
_pdbx_database_status.status_code_cs                  ? 
_pdbx_database_status.status_code_nmr_data            ? 
_pdbx_database_status.methods_development_category    ? 
# 
loop_
_audit_author.name 
_audit_author.pdbx_ordinal 
'Jones, T.A.'  1 
'Rouvinen, J.' 2 
# 
loop_
_citation.id 
_citation.title 
_citation.journal_abbrev 
_citation.journal_volume 
_citation.page_first 
_citation.page_last 
_citation.year 
_citation.journal_id_ASTM 
_citation.country 
_citation.journal_id_ISSN 
_citation.journal_id_CSD 
_citation.book_publisher 
_citation.pdbx_database_id_PubMed 
_citation.pdbx_database_id_DOI 
primary 'Three-dimensional structure of cellobiohydrolase II from Trichoderma reesei.'        Science     249 380 386 1990 SCIEAS 
US 0036-8075 0038 ? 2377893 ? 
1       'Crystallization of the Core Protein of Cellobiohydrolase II from Trichoderma Reesei' J.Mol.Biol. 209 167 ?   1989 JMOBAK 
UK 0022-2836 0070 ? ?       ? 
# 
loop_
_citation_author.citation_id 
_citation_author.name 
_citation_author.ordinal 
_citation_author.identifier_ORCID 
primary 'Rouvinen, J.'   1  ? 
primary 'Bergfors, T.'   2  ? 
primary 'Teeri, T.'      3  ? 
primary 'Knowles, J.K.'  4  ? 
primary 'Jones, T.A.'    5  ? 
1       'Bergfors, T.'   6  ? 
1       'Rouvinen, J.'   7  ? 
1       'Lehtovaara, P.' 8  ? 
1       'Caldentey, X.'  9  ? 
1       'Tomme, P.'      10 ? 
1       'Claeyssens, M.' 11 ? 
1       'Pettersson, G.' 12 ? 
1       'Teeri, T.'      13 ? 
1       'Knowles, J.'    14 ? 
1       'Jones, T.A.'    15 ? 
# 
_entity.id                         1 
_entity.type                       polymer 
_entity.src_method                 man 
_entity.pdbx_description           'CELLOBIOHYDROLASE II CORE PROTEIN' 
_entity.formula_weight             39055.297 
_entity.pdbx_number_of_molecules   1 
_entity.pdbx_ec                    3.2.1.91 
_entity.pdbx_mutation              ? 
_entity.pdbx_fragment              ? 
_entity.details                    ? 
# 
_entity_poly.entity_id                      1 
_entity_poly.type                           'polypeptide(L)' 
_entity_poly.nstd_linkage                   no 
_entity_poly.nstd_monomer                   no 
_entity_poly.pdbx_seq_one_letter_code       
;SGTATYSGNPFVGVTPWANAYYASEVSSLAIPSLTGAMATAAAAVAKVPSFMWLDTLDKTPLMEQTLADIRTANKNGGNY
AGQFVVYDLPDRDCAALASNGEYSIADGGVAKYKNYIDTIRQIVVEYSDIRTLLVIEPDSLANLVTNLGTPKCANAQSAY
LECINYAVTQLNLPNVAMYLDAGHAGWLGWPANQDPAAQLFANVYKNASSPRALRGLATNVANYNGWNITSPPSYTQGNA
VYNEKLYIHAIGPLLANHGWSNAFFITDQGRSGKQPTGQQQWGDWCNVIGTGFGIRPSANTGDSLLDSFVWVKPGGECDG
TSDSSAPRFDSHCALPDALQPAPQAGAWFQAYFVQLLTNANPSFL
;
_entity_poly.pdbx_seq_one_letter_code_can   
;SGTATYSGNPFVGVTPWANAYYASEVSSLAIPSLTGAMATAAAAVAKVPSFMWLDTLDKTPLMEQTLADIRTANKNGGNY
AGQFVVYDLPDRDCAALASNGEYSIADGGVAKYKNYIDTIRQIVVEYSDIRTLLVIEPDSLANLVTNLGTPKCANAQSAY
LECINYAVTQLNLPNVAMYLDAGHAGWLGWPANQDPAAQLFANVYKNASSPRALRGLATNVANYNGWNITSPPSYTQGNA
VYNEKLYIHAIGPLLANHGWSNAFFITDQGRSGKQPTGQQQWGDWCNVIGTGFGIRPSANTGDSLLDSFVWVKPGGECDG
TSDSSAPRFDSHCALPDALQPAPQAGAWFQAYFVQLLTNANPSFL
;
_entity_poly.pdbx_strand_id                 A 
_entity_poly.pdbx_target_identifier         ? 
# 
loop_
_entity_poly_seq.entity_id 
_entity_poly_seq.num 
_entity_poly_seq.mon_id 
_entity_poly_seq.hetero 
1 1   SER n 
1 2   GLY n 
1 3   THR n 
1 4   ALA n 
1 5   THR n 
1 6   TYR n 
1 7   SER n 
1 8   GLY n 
1 9   ASN n 
1 10  PRO n 
1 11  PHE n 
1 12  VAL n 
1 13  GLY n 
1 14  VAL n 
1 15  THR n 
1 16  PRO n 
1 17  TRP n 
1 18  ALA n 
1 19  ASN n 
1 20  ALA n 
1 21  TYR n 
1 22  TYR n 
1 23  ALA n 
1 24  SER n 
1 25  GLU n 
1 26  VAL n 
1 27  SER n 
1 28  SER n 
1 29  LEU n 
1 30  ALA n 
1 31  ILE n 
1 32  PRO n 
1 33  SER n 
1 34  LEU n 
1 35  THR n 
1 36  GLY n 
1 37  ALA n 
1 38  MET n 
1 39  ALA n 
1 40  THR n 
1 41  ALA n 
1 42  ALA n 
1 43  ALA n 
1 44  ALA n 
1 45  VAL n 
1 46  ALA n 
1 47  LYS n 
1 48  VAL n 
1 49  PRO n 
1 50  SER n 
1 51  PHE n 
1 52  MET n 
1 53  TRP n 
1 54  LEU n 
1 55  ASP n 
1 56  THR n 
1 57  LEU n 
1 58  ASP n 
1 59  LYS n 
1 60  THR n 
1 61  PRO n 
1 62  LEU n 
1 63  MET n 
1 64  GLU n 
1 65  GLN n 
1 66  THR n 
1 67  LEU n 
1 68  ALA n 
1 69  ASP n 
1 70  ILE n 
1 71  ARG n 
1 72  THR n 
1 73  ALA n 
1 74  ASN n 
1 75  LYS n 
1 76  ASN n 
1 77  GLY n 
1 78  GLY n 
1 79  ASN n 
1 80  TYR n 
1 81  ALA n 
1 82  GLY n 
1 83  GLN n 
1 84  PHE n 
1 85  VAL n 
1 86  VAL n 
1 87  TYR n 
1 88  ASP n 
1 89  LEU n 
1 90  PRO n 
1 91  ASP n 
1 92  ARG n 
1 93  ASP n 
1 94  CYS n 
1 95  ALA n 
1 96  ALA n 
1 97  LEU n 
1 98  ALA n 
1 99  SER n 
1 100 ASN n 
1 101 GLY n 
1 102 GLU n 
1 103 TYR n 
1 104 SER n 
1 105 ILE n 
1 106 ALA n 
1 107 ASP n 
1 108 GLY n 
1 109 GLY n 
1 110 VAL n 
1 111 ALA n 
1 112 LYS n 
1 113 TYR n 
1 114 LYS n 
1 115 ASN n 
1 116 TYR n 
1 117 ILE n 
1 118 ASP n 
1 119 THR n 
1 120 ILE n 
1 121 ARG n 
1 122 GLN n 
1 123 ILE n 
1 124 VAL n 
1 125 VAL n 
1 126 GLU n 
1 127 TYR n 
1 128 SER n 
1 129 ASP n 
1 130 ILE n 
1 131 ARG n 
1 132 THR n 
1 133 LEU n 
1 134 LEU n 
1 135 VAL n 
1 136 ILE n 
1 137 GLU n 
1 138 PRO n 
1 139 ASP n 
1 140 SER n 
1 141 LEU n 
1 142 ALA n 
1 143 ASN n 
1 144 LEU n 
1 145 VAL n 
1 146 THR n 
1 147 ASN n 
1 148 LEU n 
1 149 GLY n 
1 150 THR n 
1 151 PRO n 
1 152 LYS n 
1 153 CYS n 
1 154 ALA n 
1 155 ASN n 
1 156 ALA n 
1 157 GLN n 
1 158 SER n 
1 159 ALA n 
1 160 TYR n 
1 161 LEU n 
1 162 GLU n 
1 163 CYS n 
1 164 ILE n 
1 165 ASN n 
1 166 TYR n 
1 167 ALA n 
1 168 VAL n 
1 169 THR n 
1 170 GLN n 
1 171 LEU n 
1 172 ASN n 
1 173 LEU n 
1 174 PRO n 
1 175 ASN n 
1 176 VAL n 
1 177 ALA n 
1 178 MET n 
1 179 TYR n 
1 180 LEU n 
1 181 ASP n 
1 182 ALA n 
1 183 GLY n 
1 184 HIS n 
1 185 ALA n 
1 186 GLY n 
1 187 TRP n 
1 188 LEU n 
1 189 GLY n 
1 190 TRP n 
1 191 PRO n 
1 192 ALA n 
1 193 ASN n 
1 194 GLN n 
1 195 ASP n 
1 196 PRO n 
1 197 ALA n 
1 198 ALA n 
1 199 GLN n 
1 200 LEU n 
1 201 PHE n 
1 202 ALA n 
1 203 ASN n 
1 204 VAL n 
1 205 TYR n 
1 206 LYS n 
1 207 ASN n 
1 208 ALA n 
1 209 SER n 
1 210 SER n 
1 211 PRO n 
1 212 ARG n 
1 213 ALA n 
1 214 LEU n 
1 215 ARG n 
1 216 GLY n 
1 217 LEU n 
1 218 ALA n 
1 219 THR n 
1 220 ASN n 
1 221 VAL n 
1 222 ALA n 
1 223 ASN n 
1 224 TYR n 
1 225 ASN n 
1 226 GLY n 
1 227 TRP n 
1 228 ASN n 
1 229 ILE n 
1 230 THR n 
1 231 SER n 
1 232 PRO n 
1 233 PRO n 
1 234 SER n 
1 235 TYR n 
1 236 THR n 
1 237 GLN n 
1 238 GLY n 
1 239 ASN n 
1 240 ALA n 
1 241 VAL n 
1 242 TYR n 
1 243 ASN n 
1 244 GLU n 
1 245 LYS n 
1 246 LEU n 
1 247 TYR n 
1 248 ILE n 
1 249 HIS n 
1 250 ALA n 
1 251 ILE n 
1 252 GLY n 
1 253 PRO n 
1 254 LEU n 
1 255 LEU n 
1 256 ALA n 
1 257 ASN n 
1 258 HIS n 
1 259 GLY n 
1 260 TRP n 
1 261 SER n 
1 262 ASN n 
1 263 ALA n 
1 264 PHE n 
1 265 PHE n 
1 266 ILE n 
1 267 THR n 
1 268 ASP n 
1 269 GLN n 
1 270 GLY n 
1 271 ARG n 
1 272 SER n 
1 273 GLY n 
1 274 LYS n 
1 275 GLN n 
1 276 PRO n 
1 277 THR n 
1 278 GLY n 
1 279 GLN n 
1 280 GLN n 
1 281 GLN n 
1 282 TRP n 
1 283 GLY n 
1 284 ASP n 
1 285 TRP n 
1 286 CYS n 
1 287 ASN n 
1 288 VAL n 
1 289 ILE n 
1 290 GLY n 
1 291 THR n 
1 292 GLY n 
1 293 PHE n 
1 294 GLY n 
1 295 ILE n 
1 296 ARG n 
1 297 PRO n 
1 298 SER n 
1 299 ALA n 
1 300 ASN n 
1 301 THR n 
1 302 GLY n 
1 303 ASP n 
1 304 SER n 
1 305 LEU n 
1 306 LEU n 
1 307 ASP n 
1 308 SER n 
1 309 PHE n 
1 310 VAL n 
1 311 TRP n 
1 312 VAL n 
1 313 LYS n 
1 314 PRO n 
1 315 GLY n 
1 316 GLY n 
1 317 GLU n 
1 318 CYS n 
1 319 ASP n 
1 320 GLY n 
1 321 THR n 
1 322 SER n 
1 323 ASP n 
1 324 SER n 
1 325 SER n 
1 326 ALA n 
1 327 PRO n 
1 328 ARG n 
1 329 PHE n 
1 330 ASP n 
1 331 SER n 
1 332 HIS n 
1 333 CYS n 
1 334 ALA n 
1 335 LEU n 
1 336 PRO n 
1 337 ASP n 
1 338 ALA n 
1 339 LEU n 
1 340 GLN n 
1 341 PRO n 
1 342 ALA n 
1 343 PRO n 
1 344 GLN n 
1 345 ALA n 
1 346 GLY n 
1 347 ALA n 
1 348 TRP n 
1 349 PHE n 
1 350 GLN n 
1 351 ALA n 
1 352 TYR n 
1 353 PHE n 
1 354 VAL n 
1 355 GLN n 
1 356 LEU n 
1 357 LEU n 
1 358 THR n 
1 359 ASN n 
1 360 ALA n 
1 361 ASN n 
1 362 PRO n 
1 363 SER n 
1 364 PHE n 
1 365 LEU n 
# 
_entity_src_gen.entity_id                          1 
_entity_src_gen.pdbx_src_id                        1 
_entity_src_gen.pdbx_alt_source_flag               sample 
_entity_src_gen.pdbx_seq_type                      ? 
_entity_src_gen.pdbx_beg_seq_num                   ? 
_entity_src_gen.pdbx_end_seq_num                   ? 
_entity_src_gen.gene_src_common_name               ? 
_entity_src_gen.gene_src_genus                     Hypocrea 
_entity_src_gen.pdbx_gene_src_gene                 ? 
_entity_src_gen.gene_src_species                   ? 
_entity_src_gen.gene_src_strain                    ? 
_entity_src_gen.gene_src_tissue                    ? 
_entity_src_gen.gene_src_tissue_fraction           ? 
_entity_src_gen.gene_src_details                   ? 
_entity_src_gen.pdbx_gene_src_fragment             ? 
_entity_src_gen.pdbx_gene_src_scientific_name      'Hypocrea jecorina' 
_entity_src_gen.pdbx_gene_src_ncbi_taxonomy_id     51453 
_entity_src_gen.pdbx_gene_src_variant              ? 
_entity_src_gen.pdbx_gene_src_cell_line            ? 
_entity_src_gen.pdbx_gene_src_atcc                 ? 
_entity_src_gen.pdbx_gene_src_organ                ? 
_entity_src_gen.pdbx_gene_src_organelle            ? 
_entity_src_gen.pdbx_gene_src_cell                 ? 
_entity_src_gen.pdbx_gene_src_cellular_location    ? 
_entity_src_gen.host_org_common_name               ? 
_entity_src_gen.pdbx_host_org_scientific_name      ? 
_entity_src_gen.pdbx_host_org_ncbi_taxonomy_id     ? 
_entity_src_gen.host_org_genus                     ? 
_entity_src_gen.pdbx_host_org_gene                 ? 
_entity_src_gen.pdbx_host_org_organ                ? 
_entity_src_gen.host_org_species                   ? 
_entity_src_gen.pdbx_host_org_tissue               ? 
_entity_src_gen.pdbx_host_org_tissue_fraction      ? 
_entity_src_gen.pdbx_host_org_strain               ? 
_entity_src_gen.pdbx_host_org_variant              ? 
_entity_src_gen.pdbx_host_org_cell_line            ? 
_entity_src_gen.pdbx_host_org_atcc                 ? 
_entity_src_gen.pdbx_host_org_culture_collection   ? 
_entity_src_gen.pdbx_host_org_cell                 ? 
_entity_src_gen.pdbx_host_org_organelle            ? 
_entity_src_gen.pdbx_host_org_cellular_location    ? 
_entity_src_gen.pdbx_host_org_vector_type          ? 
_entity_src_gen.pdbx_host_org_vector               ? 
_entity_src_gen.host_org_details                   ? 
_entity_src_gen.expression_system_id               ? 
_entity_src_gen.plasmid_name                       ? 
_entity_src_gen.plasmid_details                    ? 
_entity_src_gen.pdbx_description                   ? 
# 
loop_
_chem_comp.id 
_chem_comp.type 
_chem_comp.mon_nstd_flag 
_chem_comp.name 
_chem_comp.pdbx_synonyms 
_chem_comp.formula 
_chem_comp.formula_weight 
ALA 'L-peptide linking' y ALANINE         ? 'C3 H7 N O2'     89.093  
ARG 'L-peptide linking' y ARGININE        ? 'C6 H15 N4 O2 1' 175.209 
ASN 'L-peptide linking' y ASPARAGINE      ? 'C4 H8 N2 O3'    132.118 
ASP 'L-peptide linking' y 'ASPARTIC ACID' ? 'C4 H7 N O4'     133.103 
CYS 'L-peptide linking' y CYSTEINE        ? 'C3 H7 N O2 S'   121.158 
GLN 'L-peptide linking' y GLUTAMINE       ? 'C5 H10 N2 O3'   146.144 
GLU 'L-peptide linking' y 'GLUTAMIC ACID' ? 'C5 H9 N O4'     147.129 
GLY 'peptide linking'   y GLYCINE         ? 'C2 H5 N O2'     75.067  
HIS 'L-peptide linking' y HISTIDINE       ? 'C6 H10 N3 O2 1' 156.162 
ILE 'L-peptide linking' y ISOLEUCINE      ? 'C6 H13 N O2'    131.173 
LEU 'L-peptide linking' y LEUCINE         ? 'C6 H13 N O2'    131.173 
LYS 'L-peptide linking' y LYSINE          ? 'C6 H15 N2 O2 1' 147.195 
MET 'L-peptide linking' y METHIONINE      ? 'C5 H11 N O2 S'  149.211 
PHE 'L-peptide linking' y PHENYLALANINE   ? 'C9 H11 N O2'    165.189 
PRO 'L-peptide linking' y PROLINE         ? 'C5 H9 N O2'     115.130 
SER 'L-peptide linking' y SERINE          ? 'C3 H7 N O3'     105.093 
THR 'L-peptide linking' y THREONINE       ? 'C4 H9 N O3'     119.119 
TRP 'L-peptide linking' y TRYPTOPHAN      ? 'C11 H12 N2 O2'  204.225 
TYR 'L-peptide linking' y TYROSINE        ? 'C9 H11 N O3'    181.189 
VAL 'L-peptide linking' y VALINE          ? 'C5 H11 N O2'    117.146 
# 
loop_
_pdbx_poly_seq_scheme.asym_id 
_pdbx_poly_seq_scheme.entity_id 
_pdbx_poly_seq_scheme.seq_id 
_pdbx_poly_seq_scheme.mon_id 
_pdbx_poly_seq_scheme.ndb_seq_num 
_pdbx_poly_seq_scheme.pdb_seq_num 
_pdbx_poly_seq_scheme.auth_seq_num 
_pdbx_poly_seq_scheme.pdb_mon_id 
_pdbx_poly_seq_scheme.auth_mon_id 
_pdbx_poly_seq_scheme.pdb_strand_id 
_pdbx_poly_seq_scheme.pdb_ins_code 
_pdbx_poly_seq_scheme.hetero 
A 1 1   SER 1   83  83  SER SER A . n 
A 1 2   GLY 2   84  84  GLY GLY A . n 
A 1 3   THR 3   85  85  THR THR A . n 
A 1 4   ALA 4   86  86  ALA ALA A . n 
A 1 5   THR 5   87  87  THR THR A . n 
A 1 6   TYR 6   88  88  TYR TYR A . n 
A 1 7   SER 7   89  89  SER SER A . n 
A 1 8   GLY 8   90  90  GLY GLY A . n 
A 1 9   ASN 9   91  91  ASN ASN A . n 
A 1 10  PRO 10  92  92  PRO PRO A . n 
A 1 11  PHE 11  93  93  PHE PHE A . n 
A 1 12  VAL 12  94  94  VAL VAL A . n 
A 1 13  GLY 13  95  95  GLY GLY A . n 
A 1 14  VAL 14  96  96  VAL VAL A . n 
A 1 15  THR 15  97  97  THR THR A . n 
A 1 16  PRO 16  98  98  PRO PRO A . n 
A 1 17  TRP 17  99  99  TRP TRP A . n 
A 1 18  ALA 18  100 100 ALA ALA A . n 
A 1 19  ASN 19  101 101 ASN ASN A . n 
A 1 20  ALA 20  102 102 ALA ALA A . n 
A 1 21  TYR 21  103 103 TYR TYR A . n 
A 1 22  TYR 22  104 104 TYR TYR A . n 
A 1 23  ALA 23  105 105 ALA ALA A . n 
A 1 24  SER 24  106 106 SER SER A . n 
A 1 25  GLU 25  107 107 GLU GLU A . n 
A 1 26  VAL 26  108 108 VAL VAL A . n 
A 1 27  SER 27  109 109 SER SER A . n 
A 1 28  SER 28  110 110 SER SER A . n 
A 1 29  LEU 29  111 111 LEU LEU A . n 
A 1 30  ALA 30  112 112 ALA ALA A . n 
A 1 31  ILE 31  113 113 ILE ILE A . n 
A 1 32  PRO 32  114 114 PRO PRO A . n 
A 1 33  SER 33  115 115 SER SER A . n 
A 1 34  LEU 34  116 116 LEU LEU A . n 
A 1 35  THR 35  117 117 THR THR A . n 
A 1 36  GLY 36  118 118 GLY GLY A . n 
A 1 37  ALA 37  119 119 ALA ALA A . n 
A 1 38  MET 38  120 120 MET MET A . n 
A 1 39  ALA 39  121 121 ALA ALA A . n 
A 1 40  THR 40  122 122 THR THR A . n 
A 1 41  ALA 41  123 123 ALA ALA A . n 
A 1 42  ALA 42  124 124 ALA ALA A . n 
A 1 43  ALA 43  125 125 ALA ALA A . n 
A 1 44  ALA 44  126 126 ALA ALA A . n 
A 1 45  VAL 45  127 127 VAL VAL A . n 
A 1 46  ALA 46  128 128 ALA ALA A . n 
A 1 47  LYS 47  129 129 LYS LYS A . n 
A 1 48  VAL 48  130 130 VAL VAL A . n 
A 1 49  PRO 49  131 131 PRO PRO A . n 
A 1 50  SER 50  132 132 SER SER A . n 
A 1 51  PHE 51  133 133 PHE PHE A . n 
A 1 52  MET 52  134 134 MET MET A . n 
A 1 53  TRP 53  135 135 TRP TRP A . n 
A 1 54  LEU 54  136 136 LEU LEU A . n 
A 1 55  ASP 55  137 137 ASP ASP A . n 
A 1 56  THR 56  138 138 THR THR A . n 
A 1 57  LEU 57  139 139 LEU LEU A . n 
A 1 58  ASP 58  140 140 ASP ASP A . n 
A 1 59  LYS 59  141 141 LYS LYS A . n 
A 1 60  THR 60  142 142 THR THR A . n 
A 1 61  PRO 61  143 143 PRO PRO A . n 
A 1 62  LEU 62  144 144 LEU LEU A . n 
A 1 63  MET 63  145 145 MET MET A . n 
A 1 64  GLU 64  146 146 GLU GLU A . n 
A 1 65  GLN 65  147 147 GLN GLN A . n 
A 1 66  THR 66  148 148 THR THR A . n 
A 1 67  LEU 67  149 149 LEU LEU A . n 
A 1 68  ALA 68  150 150 ALA ALA A . n 
A 1 69  ASP 69  151 151 ASP ASP A . n 
A 1 70  ILE 70  152 152 ILE ILE A . n 
A 1 71  ARG 71  153 153 ARG ARG A . n 
A 1 72  THR 72  154 154 THR THR A . n 
A 1 73  ALA 73  155 155 ALA ALA A . n 
A 1 74  ASN 74  156 156 ASN ASN A . n 
A 1 75  LYS 75  157 157 LYS LYS A . n 
A 1 76  ASN 76  158 158 ASN ASN A . n 
A 1 77  GLY 77  159 159 GLY GLY A . n 
A 1 78  GLY 78  160 160 GLY GLY A . n 
A 1 79  ASN 79  161 161 ASN ASN A . n 
A 1 80  TYR 80  162 162 TYR TYR A . n 
A 1 81  ALA 81  163 163 ALA ALA A . n 
A 1 82  GLY 82  164 164 GLY GLY A . n 
A 1 83  GLN 83  165 165 GLN GLN A . n 
A 1 84  PHE 84  166 166 PHE PHE A . n 
A 1 85  VAL 85  167 167 VAL VAL A . n 
A 1 86  VAL 86  168 168 VAL VAL A . n 
A 1 87  TYR 87  169 169 TYR TYR A . n 
A 1 88  ASP 88  170 170 ASP ASP A . n 
A 1 89  LEU 89  171 171 LEU LEU A . n 
A 1 90  PRO 90  172 172 PRO PRO A . n 
A 1 91  ASP 91  173 173 ASP ASP A . n 
A 1 92  ARG 92  174 174 ARG ARG A . n 
A 1 93  ASP 93  175 175 ASP ASP A . n 
A 1 94  CYS 94  176 176 CYS CYS A . n 
A 1 95  ALA 95  177 177 ALA ALA A . n 
A 1 96  ALA 96  178 178 ALA ALA A . n 
A 1 97  LEU 97  179 179 LEU LEU A . n 
A 1 98  ALA 98  180 180 ALA ALA A . n 
A 1 99  SER 99  181 181 SER SER A . n 
A 1 100 ASN 100 182 182 ASN ASN A . n 
A 1 101 GLY 101 183 183 GLY GLY A . n 
A 1 102 GLU 102 184 184 GLU GLU A . n 
A 1 103 TYR 103 185 185 TYR TYR A . n 
A 1 104 SER 104 186 186 SER SER A . n 
A 1 105 ILE 105 187 187 ILE ILE A . n 
A 1 106 ALA 106 188 188 ALA ALA A . n 
A 1 107 ASP 107 189 189 ASP ASP A . n 
A 1 108 GLY 108 190 190 GLY GLY A . n 
A 1 109 GLY 109 191 191 GLY GLY A . n 
A 1 110 VAL 110 192 192 VAL VAL A . n 
A 1 111 ALA 111 193 193 ALA ALA A . n 
A 1 112 LYS 112 194 194 LYS LYS A . n 
A 1 113 TYR 113 195 195 TYR TYR A . n 
A 1 114 LYS 114 196 196 LYS LYS A . n 
A 1 115 ASN 115 197 197 ASN ASN A . n 
A 1 116 TYR 116 198 198 TYR TYR A . n 
A 1 117 ILE 117 199 199 ILE ILE A . n 
A 1 118 ASP 118 200 200 ASP ASP A . n 
A 1 119 THR 119 201 201 THR THR A . n 
A 1 120 ILE 120 202 202 ILE ILE A . n 
A 1 121 ARG 121 203 203 ARG ARG A . n 
A 1 122 GLN 122 204 204 GLN GLN A . n 
A 1 123 ILE 123 205 205 ILE ILE A . n 
A 1 124 VAL 124 206 206 VAL VAL A . n 
A 1 125 VAL 125 207 207 VAL VAL A . n 
A 1 126 GLU 126 208 208 GLU GLU A . n 
A 1 127 TYR 127 209 209 TYR TYR A . n 
A 1 128 SER 128 210 210 SER SER A . n 
A 1 129 ASP 129 211 211 ASP ASP A . n 
A 1 130 ILE 130 212 212 ILE ILE A . n 
A 1 131 ARG 131 213 213 ARG ARG A . n 
A 1 132 THR 132 214 214 THR THR A . n 
A 1 133 LEU 133 215 215 LEU LEU A . n 
A 1 134 LEU 134 216 216 LEU LEU A . n 
A 1 135 VAL 135 217 217 VAL VAL A . n 
A 1 136 ILE 136 218 218 ILE ILE A . n 
A 1 137 GLU 137 219 219 GLU GLU A . n 
A 1 138 PRO 138 220 220 PRO PRO A . n 
A 1 139 ASP 139 221 221 ASP ASP A . n 
A 1 140 SER 140 222 222 SER SER A . n 
A 1 141 LEU 141 223 223 LEU LEU A . n 
A 1 142 ALA 142 224 224 ALA ALA A . n 
A 1 143 ASN 143 225 225 ASN ASN A . n 
A 1 144 LEU 144 226 226 LEU LEU A . n 
A 1 145 VAL 145 227 227 VAL VAL A . n 
A 1 146 THR 146 228 228 THR THR A . n 
A 1 147 ASN 147 229 229 ASN ASN A . n 
A 1 148 LEU 148 230 230 LEU LEU A . n 
A 1 149 GLY 149 231 231 GLY GLY A . n 
A 1 150 THR 150 232 232 THR THR A . n 
A 1 151 PRO 151 233 233 PRO PRO A . n 
A 1 152 LYS 152 234 234 LYS LYS A . n 
A 1 153 CYS 153 235 235 CYS CYS A . n 
A 1 154 ALA 154 236 236 ALA ALA A . n 
A 1 155 ASN 155 237 237 ASN ASN A . n 
A 1 156 ALA 156 238 238 ALA ALA A . n 
A 1 157 GLN 157 239 239 GLN GLN A . n 
A 1 158 SER 158 240 240 SER SER A . n 
A 1 159 ALA 159 241 241 ALA ALA A . n 
A 1 160 TYR 160 242 242 TYR TYR A . n 
A 1 161 LEU 161 243 243 LEU LEU A . n 
A 1 162 GLU 162 244 244 GLU GLU A . n 
A 1 163 CYS 163 245 245 CYS CYS A . n 
A 1 164 ILE 164 246 246 ILE ILE A . n 
A 1 165 ASN 165 247 247 ASN ASN A . n 
A 1 166 TYR 166 248 248 TYR TYR A . n 
A 1 167 ALA 167 249 249 ALA ALA A . n 
A 1 168 VAL 168 250 250 VAL VAL A . n 
A 1 169 THR 169 251 251 THR THR A . n 
A 1 170 GLN 170 252 252 GLN GLN A . n 
A 1 171 LEU 171 253 253 LEU LEU A . n 
A 1 172 ASN 172 254 254 ASN ASN A . n 
A 1 173 LEU 173 255 255 LEU LEU A . n 
A 1 174 PRO 174 256 256 PRO PRO A . n 
A 1 175 ASN 175 257 257 ASN ASN A . n 
A 1 176 VAL 176 258 258 VAL VAL A . n 
A 1 177 ALA 177 259 259 ALA ALA A . n 
A 1 178 MET 178 260 260 MET MET A . n 
A 1 179 TYR 179 261 261 TYR TYR A . n 
A 1 180 LEU 180 262 262 LEU LEU A . n 
A 1 181 ASP 181 263 263 ASP ASP A . n 
A 1 182 ALA 182 264 264 ALA ALA A . n 
A 1 183 GLY 183 265 265 GLY GLY A . n 
A 1 184 HIS 184 266 266 HIS HIS A . n 
A 1 185 ALA 185 267 267 ALA ALA A . n 
A 1 186 GLY 186 268 268 GLY GLY A . n 
A 1 187 TRP 187 269 269 TRP TRP A . n 
A 1 188 LEU 188 270 270 LEU LEU A . n 
A 1 189 GLY 189 271 271 GLY GLY A . n 
A 1 190 TRP 190 272 272 TRP TRP A . n 
A 1 191 PRO 191 273 273 PRO PRO A . n 
A 1 192 ALA 192 274 274 ALA ALA A . n 
A 1 193 ASN 193 275 275 ASN ASN A . n 
A 1 194 GLN 194 276 276 GLN GLN A . n 
A 1 195 ASP 195 277 277 ASP ASP A . n 
A 1 196 PRO 196 278 278 PRO PRO A . n 
A 1 197 ALA 197 279 279 ALA ALA A . n 
A 1 198 ALA 198 280 280 ALA ALA A . n 
A 1 199 GLN 199 281 281 GLN GLN A . n 
A 1 200 LEU 200 282 282 LEU LEU A . n 
A 1 201 PHE 201 283 283 PHE PHE A . n 
A 1 202 ALA 202 284 284 ALA ALA A . n 
A 1 203 ASN 203 285 285 ASN ASN A . n 
A 1 204 VAL 204 286 286 VAL VAL A . n 
A 1 205 TYR 205 287 287 TYR TYR A . n 
A 1 206 LYS 206 288 288 LYS LYS A . n 
A 1 207 ASN 207 289 289 ASN ASN A . n 
A 1 208 ALA 208 290 290 ALA ALA A . n 
A 1 209 SER 209 291 291 SER SER A . n 
A 1 210 SER 210 292 292 SER SER A . n 
A 1 211 PRO 211 293 293 PRO PRO A . n 
A 1 212 ARG 212 294 294 ARG ARG A . n 
A 1 213 ALA 213 295 295 ALA ALA A . n 
A 1 214 LEU 214 296 296 LEU LEU A . n 
A 1 215 ARG 215 297 297 ARG ARG A . n 
A 1 216 GLY 216 298 298 GLY GLY A . n 
A 1 217 LEU 217 299 299 LEU LEU A . n 
A 1 218 ALA 218 300 300 ALA ALA A . n 
A 1 219 THR 219 301 301 THR THR A . n 
A 1 220 ASN 220 302 302 ASN ASN A . n 
A 1 221 VAL 221 303 303 VAL VAL A . n 
A 1 222 ALA 222 304 304 ALA ALA A . n 
A 1 223 ASN 223 305 305 ASN ASN A . n 
A 1 224 TYR 224 306 306 TYR TYR A . n 
A 1 225 ASN 225 307 307 ASN ASN A . n 
A 1 226 GLY 226 308 308 GLY GLY A . n 
A 1 227 TRP 227 309 309 TRP TRP A . n 
A 1 228 ASN 228 310 310 ASN ASN A . n 
A 1 229 ILE 229 311 311 ILE ILE A . n 
A 1 230 THR 230 312 312 THR THR A . n 
A 1 231 SER 231 313 313 SER SER A . n 
A 1 232 PRO 232 314 314 PRO PRO A . n 
A 1 233 PRO 233 315 315 PRO PRO A . n 
A 1 234 SER 234 316 316 SER SER A . n 
A 1 235 TYR 235 317 317 TYR TYR A . n 
A 1 236 THR 236 318 318 THR THR A . n 
A 1 237 GLN 237 319 319 GLN GLN A . n 
A 1 238 GLY 238 320 320 GLY GLY A . n 
A 1 239 ASN 239 321 321 ASN ASN A . n 
A 1 240 ALA 240 322 322 ALA ALA A . n 
A 1 241 VAL 241 323 323 VAL VAL A . n 
A 1 242 TYR 242 324 324 TYR TYR A . n 
A 1 243 ASN 243 325 325 ASN ASN A . n 
A 1 244 GLU 244 326 326 GLU GLU A . n 
A 1 245 LYS 245 327 327 LYS LYS A . n 
A 1 246 LEU 246 328 328 LEU LEU A . n 
A 1 247 TYR 247 329 329 TYR TYR A . n 
A 1 248 ILE 248 330 330 ILE ILE A . n 
A 1 249 HIS 249 331 331 HIS HIS A . n 
A 1 250 ALA 250 332 332 ALA ALA A . n 
A 1 251 ILE 251 333 333 ILE ILE A . n 
A 1 252 GLY 252 334 334 GLY GLY A . n 
A 1 253 PRO 253 335 335 PRO PRO A . n 
A 1 254 LEU 254 336 336 LEU LEU A . n 
A 1 255 LEU 255 337 337 LEU LEU A . n 
A 1 256 ALA 256 338 338 ALA ALA A . n 
A 1 257 ASN 257 339 339 ASN ASN A . n 
A 1 258 HIS 258 340 340 HIS HIS A . n 
A 1 259 GLY 259 341 341 GLY GLY A . n 
A 1 260 TRP 260 342 342 TRP TRP A . n 
A 1 261 SER 261 343 343 SER SER A . n 
A 1 262 ASN 262 344 344 ASN ASN A . n 
A 1 263 ALA 263 345 345 ALA ALA A . n 
A 1 264 PHE 264 346 346 PHE PHE A . n 
A 1 265 PHE 265 347 347 PHE PHE A . n 
A 1 266 ILE 266 348 348 ILE ILE A . n 
A 1 267 THR 267 349 349 THR THR A . n 
A 1 268 ASP 268 350 350 ASP ASP A . n 
A 1 269 GLN 269 351 351 GLN GLN A . n 
A 1 270 GLY 270 352 352 GLY GLY A . n 
A 1 271 ARG 271 353 353 ARG ARG A . n 
A 1 272 SER 272 354 354 SER SER A . n 
A 1 273 GLY 273 355 355 GLY GLY A . n 
A 1 274 LYS 274 356 356 LYS LYS A . n 
A 1 275 GLN 275 357 357 GLN GLN A . n 
A 1 276 PRO 276 358 358 PRO PRO A . n 
A 1 277 THR 277 359 359 THR THR A . n 
A 1 278 GLY 278 360 360 GLY GLY A . n 
A 1 279 GLN 279 361 361 GLN GLN A . n 
A 1 280 GLN 280 362 362 GLN GLN A . n 
A 1 281 GLN 281 363 363 GLN GLN A . n 
A 1 282 TRP 282 364 364 TRP TRP A . n 
A 1 283 GLY 283 365 365 GLY GLY A . n 
A 1 284 ASP 284 366 366 ASP ASP A . n 
A 1 285 TRP 285 367 367 TRP TRP A . n 
A 1 286 CYS 286 368 368 CYS CYS A . n 
A 1 287 ASN 287 369 369 ASN ASN A . n 
A 1 288 VAL 288 370 370 VAL VAL A . n 
A 1 289 ILE 289 371 371 ILE ILE A . n 
A 1 290 GLY 290 372 372 GLY GLY A . n 
A 1 291 THR 291 373 373 THR THR A . n 
A 1 292 GLY 292 374 374 GLY GLY A . n 
A 1 293 PHE 293 375 375 PHE PHE A . n 
A 1 294 GLY 294 376 376 GLY GLY A . n 
A 1 295 ILE 295 377 377 ILE ILE A . n 
A 1 296 ARG 296 378 378 ARG ARG A . n 
A 1 297 PRO 297 379 379 PRO PRO A . n 
A 1 298 SER 298 380 380 SER SER A . n 
A 1 299 ALA 299 381 381 ALA ALA A . n 
A 1 300 ASN 300 382 382 ASN ASN A . n 
A 1 301 THR 301 383 383 THR THR A . n 
A 1 302 GLY 302 384 384 GLY GLY A . n 
A 1 303 ASP 303 385 385 ASP ASP A . n 
A 1 304 SER 304 386 386 SER SER A . n 
A 1 305 LEU 305 387 387 LEU LEU A . n 
A 1 306 LEU 306 388 388 LEU LEU A . n 
A 1 307 ASP 307 389 389 ASP ASP A . n 
A 1 308 SER 308 390 390 SER SER A . n 
A 1 309 PHE 309 391 391 PHE PHE A . n 
A 1 310 VAL 310 392 392 VAL VAL A . n 
A 1 311 TRP 311 393 393 TRP TRP A . n 
A 1 312 VAL 312 394 394 VAL VAL A . n 
A 1 313 LYS 313 395 395 LYS LYS A . n 
A 1 314 PRO 314 396 396 PRO PRO A . n 
A 1 315 GLY 315 397 397 GLY GLY A . n 
A 1 316 GLY 316 398 398 GLY GLY A . n 
A 1 317 GLU 317 399 399 GLU GLU A . n 
A 1 318 CYS 318 400 400 CYS CYS A . n 
A 1 319 ASP 319 401 401 ASP ASP A . n 
A 1 320 GLY 320 402 402 GLY GLY A . n 
A 1 321 THR 321 403 403 THR THR A . n 
A 1 322 SER 322 404 404 SER SER A . n 
A 1 323 ASP 323 405 405 ASP ASP A . n 
A 1 324 SER 324 406 406 SER SER A . n 
A 1 325 SER 325 407 407 SER SER A . n 
A 1 326 ALA 326 408 408 ALA ALA A . n 
A 1 327 PRO 327 409 409 PRO PRO A . n 
A 1 328 ARG 328 410 410 ARG ARG A . n 
A 1 329 PHE 329 411 411 PHE PHE A . n 
A 1 330 ASP 330 412 412 ASP ASP A . n 
A 1 331 SER 331 413 413 SER SER A . n 
A 1 332 HIS 332 414 414 HIS HIS A . n 
A 1 333 CYS 333 415 415 CYS CYS A . n 
A 1 334 ALA 334 416 416 ALA ALA A . n 
A 1 335 LEU 335 417 417 LEU LEU A . n 
A 1 336 PRO 336 418 418 PRO PRO A . n 
A 1 337 ASP 337 419 419 ASP ASP A . n 
A 1 338 ALA 338 420 420 ALA ALA A . n 
A 1 339 LEU 339 421 421 LEU LEU A . n 
A 1 340 GLN 340 422 422 GLN GLN A . n 
A 1 341 PRO 341 423 423 PRO PRO A . n 
A 1 342 ALA 342 424 424 ALA ALA A . n 
A 1 343 PRO 343 425 425 PRO PRO A . n 
A 1 344 GLN 344 426 426 GLN GLN A . n 
A 1 345 ALA 345 427 427 ALA ALA A . n 
A 1 346 GLY 346 428 428 GLY GLY A . n 
A 1 347 ALA 347 429 429 ALA ALA A . n 
A 1 348 TRP 348 430 430 TRP TRP A . n 
A 1 349 PHE 349 431 431 PHE PHE A . n 
A 1 350 GLN 350 432 432 GLN GLN A . n 
A 1 351 ALA 351 433 433 ALA ALA A . n 
A 1 352 TYR 352 434 434 TYR TYR A . n 
A 1 353 PHE 353 435 435 PHE PHE A . n 
A 1 354 VAL 354 436 436 VAL VAL A . n 
A 1 355 GLN 355 437 437 GLN GLN A . n 
A 1 356 LEU 356 438 438 LEU LEU A . n 
A 1 357 LEU 357 439 439 LEU LEU A . n 
A 1 358 THR 358 440 440 THR THR A . n 
A 1 359 ASN 359 441 441 ASN ASN A . n 
A 1 360 ALA 360 442 442 ALA ALA A . n 
A 1 361 ASN 361 443 443 ASN ASN A . n 
A 1 362 PRO 362 444 444 PRO PRO A . n 
A 1 363 SER 363 445 445 SER SER A . n 
A 1 364 PHE 364 446 446 PHE PHE A . n 
A 1 365 LEU 365 447 447 LEU LEU A . n 
# 
_software.name             X-PLOR 
_software.classification   refinement 
_software.version          . 
_software.citation_id      ? 
_software.pdbx_ordinal     1 
# 
_cell.entry_id           3CBH 
_cell.length_a           49.100 
_cell.length_b           75.800 
_cell.length_c           92.900 
_cell.angle_alpha        90.00 
_cell.angle_beta         103.20 
_cell.angle_gamma        90.00 
_cell.Z_PDB              2 
_cell.pdbx_unique_axis   ? 
# 
_symmetry.entry_id                         3CBH 
_symmetry.space_group_name_H-M             'P 1 21 1' 
_symmetry.pdbx_full_space_group_name_H-M   ? 
_symmetry.cell_setting                     ? 
_symmetry.Int_Tables_number                4 
# 
_exptl.entry_id          3CBH 
_exptl.method            'X-RAY DIFFRACTION' 
_exptl.crystals_number   ? 
# 
_exptl_crystal.id                    1 
_exptl_crystal.density_meas          ? 
_exptl_crystal.density_Matthews      4.31 
_exptl_crystal.density_percent_sol   71.44 
_exptl_crystal.description           ? 
# 
_diffrn.id                     1 
_diffrn.crystal_id             1 
_diffrn.ambient_temp           ? 
_diffrn.ambient_temp_details   ? 
# 
_refine.entry_id                                 3CBH 
_refine.ls_number_reflns_obs                     ? 
_refine.ls_number_reflns_all                     ? 
_refine.pdbx_ls_sigma_I                          ? 
_refine.pdbx_ls_sigma_F                          ? 
_refine.pdbx_data_cutoff_high_absF               ? 
_refine.pdbx_data_cutoff_low_absF                ? 
_refine.pdbx_data_cutoff_high_rms_absF           ? 
_refine.ls_d_res_low                             8.0 
_refine.ls_d_res_high                            2.0 
_refine.ls_percent_reflns_obs                    ? 
_refine.ls_R_factor_obs                          ? 
_refine.ls_R_factor_all                          ? 
_refine.ls_R_factor_R_work                       0.155 
_refine.ls_R_factor_R_free                       ? 
_refine.ls_R_factor_R_free_error                 ? 
_refine.ls_R_factor_R_free_error_details         ? 
_refine.ls_percent_reflns_R_free                 ? 
_refine.ls_number_reflns_R_free                  ? 
_refine.ls_number_parameters                     ? 
_refine.ls_number_restraints                     ? 
_refine.occupancy_min                            ? 
_refine.occupancy_max                            ? 
_refine.B_iso_mean                               ? 
_refine.aniso_B[1][1]                            ? 
_refine.aniso_B[2][2]                            ? 
_refine.aniso_B[3][3]                            ? 
_refine.aniso_B[1][2]                            ? 
_refine.aniso_B[1][3]                            ? 
_refine.aniso_B[2][3]                            ? 
_refine.solvent_model_details                    ? 
_refine.solvent_model_param_ksol                 ? 
_refine.solvent_model_param_bsol                 ? 
_refine.pdbx_ls_cross_valid_method               ? 
_refine.details                                  ? 
_refine.pdbx_starting_model                      ? 
_refine.pdbx_method_to_determine_struct          ? 
_refine.pdbx_isotropic_thermal_model             ? 
_refine.pdbx_stereochemistry_target_values       ? 
_refine.pdbx_stereochem_target_val_spec_case     ? 
_refine.pdbx_R_Free_selection_details            ? 
_refine.pdbx_overall_ESU_R                       ? 
_refine.pdbx_overall_ESU_R_Free                  ? 
_refine.overall_SU_ML                            ? 
_refine.overall_SU_B                             ? 
_refine.pdbx_refine_id                           'X-RAY DIFFRACTION' 
_refine.pdbx_diffrn_id                           1 
_refine.pdbx_TLS_residual_ADP_flag               ? 
_refine.correlation_coeff_Fo_to_Fc               ? 
_refine.correlation_coeff_Fo_to_Fc_free          ? 
_refine.pdbx_solvent_vdw_probe_radii             ? 
_refine.pdbx_solvent_ion_probe_radii             ? 
_refine.pdbx_solvent_shrinkage_radii             ? 
_refine.pdbx_overall_phase_error                 ? 
_refine.overall_SU_R_Cruickshank_DPI             ? 
_refine.pdbx_overall_SU_R_free_Cruickshank_DPI   ? 
_refine.pdbx_overall_SU_R_Blow_DPI               ? 
_refine.pdbx_overall_SU_R_free_Blow_DPI          ? 
# 
_refine_hist.pdbx_refine_id                   'X-RAY DIFFRACTION' 
_refine_hist.cycle_id                         LAST 
_refine_hist.pdbx_number_atoms_protein        365 
_refine_hist.pdbx_number_atoms_nucleic_acid   0 
_refine_hist.pdbx_number_atoms_ligand         0 
_refine_hist.number_atoms_solvent             0 
_refine_hist.number_atoms_total               365 
_refine_hist.d_res_high                       2.0 
_refine_hist.d_res_low                        8.0 
# 
_struct.entry_id                  3CBH 
_struct.title                     'THREE-DIMENSIONAL STRUCTURE OF CELLOBIOHYDROLASE FROM TRICHODERMA REESEI' 
_struct.pdbx_model_details        ? 
_struct.pdbx_CASP_flag            ? 
_struct.pdbx_model_type_details   ? 
# 
_struct_keywords.entry_id        3CBH 
_struct_keywords.pdbx_keywords   'HYDROLASE (O-GLYCOSYL)' 
_struct_keywords.text            'HYDROLASE (O-GLYCOSYL)' 
# 
_struct_asym.id                            A 
_struct_asym.pdbx_blank_PDB_chainid_flag   N 
_struct_asym.pdbx_modified                 N 
_struct_asym.entity_id                     1 
_struct_asym.details                       ? 
# 
_struct_ref.id                         1 
_struct_ref.db_name                    UNP 
_struct_ref.db_code                    GUX2_TRIRE 
_struct_ref.entity_id                  1 
_struct_ref.pdbx_db_accession          P07987 
_struct_ref.pdbx_align_begin           1 
_struct_ref.pdbx_seq_one_letter_code   
;MIVGILTTLATLATLAASVPLEERQACSSVWGQCGGQNWSGPTCCASGSTCVYSNDYYSQCLPGAASSSSSTRAASTTSR
VSPTTSRSSSATPPPGSTTTRVPPVGSGTATYSGNPFVGVTPWANAYYASEVSSLAIPSLTGAMATAAAAVAKVPSFMWL
DTLDKTPLMEQTLADIRTANKNGGNYAGQFVVYDLPDRDCAALASNGEYSIADGGVAKYKNYIDTIRQIVVEYSDIRTLL
VIEPDSLANLVTNLGTPKCANAQSAYLECINYAVTQLNLPNVAMYLDAGHAGWLGWPANQDPAAQLFANVYKNASSPRAL
RGLATNVANYNGWNITSPPSYTQGNAVYNEKLYIHAIGPLLANHGWSNAFFITDQGRSGKQPTGQQQWGDWCNVIGTGFG
IRPSANTGDSLLDSFVWVKPGGECDGTSDSSAPRFDSHCALPDALQPAPQAGAWFQAYFVQLLTNANPSFL
;
_struct_ref.pdbx_db_isoform            ? 
# 
_struct_ref_seq.align_id                      1 
_struct_ref_seq.ref_id                        1 
_struct_ref_seq.pdbx_PDB_id_code              3CBH 
_struct_ref_seq.pdbx_strand_id                A 
_struct_ref_seq.seq_align_beg                 1 
_struct_ref_seq.pdbx_seq_align_beg_ins_code   ? 
_struct_ref_seq.seq_align_end                 365 
_struct_ref_seq.pdbx_seq_align_end_ins_code   ? 
_struct_ref_seq.pdbx_db_accession             P07987 
_struct_ref_seq.db_align_beg                  107 
_struct_ref_seq.pdbx_db_align_beg_ins_code    ? 
_struct_ref_seq.db_align_end                  471 
_struct_ref_seq.pdbx_db_align_end_ins_code    ? 
_struct_ref_seq.pdbx_auth_seq_align_beg       83 
_struct_ref_seq.pdbx_auth_seq_align_end       447 
# 
_pdbx_struct_assembly.id                   1 
_pdbx_struct_assembly.details              author_defined_assembly 
_pdbx_struct_assembly.method_details       ? 
_pdbx_struct_assembly.oligomeric_details   monomeric 
_pdbx_struct_assembly.oligomeric_count     1 
# 
_pdbx_struct_assembly_gen.assembly_id       1 
_pdbx_struct_assembly_gen.oper_expression   1 
_pdbx_struct_assembly_gen.asym_id_list      A 
# 
_pdbx_struct_oper_list.id                   1 
_pdbx_struct_oper_list.type                 'identity operation' 
_pdbx_struct_oper_list.name                 1_555 
_pdbx_struct_oper_list.symmetry_operation   x,y,z 
_pdbx_struct_oper_list.matrix[1][1]         1.0000000000 
_pdbx_struct_oper_list.matrix[1][2]         0.0000000000 
_pdbx_struct_oper_list.matrix[1][3]         0.0000000000 
_pdbx_struct_oper_list.vector[1]            0.0000000000 
_pdbx_struct_oper_list.matrix[2][1]         0.0000000000 
_pdbx_struct_oper_list.matrix[2][2]         1.0000000000 
_pdbx_struct_oper_list.matrix[2][3]         0.0000000000 
_pdbx_struct_oper_list.vector[2]            0.0000000000 
_pdbx_struct_oper_list.matrix[3][1]         0.0000000000 
_pdbx_struct_oper_list.matrix[3][2]         0.0000000000 
_pdbx_struct_oper_list.matrix[3][3]         1.0000000000 
_pdbx_struct_oper_list.vector[3]            0.0000000000 
# 
_struct_biol.id   1 
# 
loop_
_chem_comp_atom.comp_id 
_chem_comp_atom.atom_id 
_chem_comp_atom.type_symbol 
_chem_comp_atom.pdbx_aromatic_flag 
_chem_comp_atom.pdbx_stereo_config 
_chem_comp_atom.pdbx_ordinal 
ALA N    N N N 1   
ALA CA   C N S 2   
ALA C    C N N 3   
ALA O    O N N 4   
ALA CB   C N N 5   
ALA OXT  O N N 6   
ALA H    H N N 7   
ALA H2   H N N 8   
ALA HA   H N N 9   
ALA HB1  H N N 10  
ALA HB2  H N N 11  
ALA HB3  H N N 12  
ALA HXT  H N N 13  
ARG N    N N N 14  
ARG CA   C N S 15  
ARG C    C N N 16  
ARG O    O N N 17  
ARG CB   C N N 18  
ARG CG   C N N 19  
ARG CD   C N N 20  
ARG NE   N N N 21  
ARG CZ   C N N 22  
ARG NH1  N N N 23  
ARG NH2  N N N 24  
ARG OXT  O N N 25  
ARG H    H N N 26  
ARG H2   H N N 27  
ARG HA   H N N 28  
ARG HB2  H N N 29  
ARG HB3  H N N 30  
ARG HG2  H N N 31  
ARG HG3  H N N 32  
ARG HD2  H N N 33  
ARG HD3  H N N 34  
ARG HE   H N N 35  
ARG HH11 H N N 36  
ARG HH12 H N N 37  
ARG HH21 H N N 38  
ARG HH22 H N N 39  
ARG HXT  H N N 40  
ASN N    N N N 41  
ASN CA   C N S 42  
ASN C    C N N 43  
ASN O    O N N 44  
ASN CB   C N N 45  
ASN CG   C N N 46  
ASN OD1  O N N 47  
ASN ND2  N N N 48  
ASN OXT  O N N 49  
ASN H    H N N 50  
ASN H2   H N N 51  
ASN HA   H N N 52  
ASN HB2  H N N 53  
ASN HB3  H N N 54  
ASN HD21 H N N 55  
ASN HD22 H N N 56  
ASN HXT  H N N 57  
ASP N    N N N 58  
ASP CA   C N S 59  
ASP C    C N N 60  
ASP O    O N N 61  
ASP CB   C N N 62  
ASP CG   C N N 63  
ASP OD1  O N N 64  
ASP OD2  O N N 65  
ASP OXT  O N N 66  
ASP H    H N N 67  
ASP H2   H N N 68  
ASP HA   H N N 69  
ASP HB2  H N N 70  
ASP HB3  H N N 71  
ASP HD2  H N N 72  
ASP HXT  H N N 73  
CYS N    N N N 74  
CYS CA   C N R 75  
CYS C    C N N 76  
CYS O    O N N 77  
CYS CB   C N N 78  
CYS SG   S N N 79  
CYS OXT  O N N 80  
CYS H    H N N 81  
CYS H2   H N N 82  
CYS HA   H N N 83  
CYS HB2  H N N 84  
CYS HB3  H N N 85  
CYS HG   H N N 86  
CYS HXT  H N N 87  
GLN N    N N N 88  
GLN CA   C N S 89  
GLN C    C N N 90  
GLN O    O N N 91  
GLN CB   C N N 92  
GLN CG   C N N 93  
GLN CD   C N N 94  
GLN OE1  O N N 95  
GLN NE2  N N N 96  
GLN OXT  O N N 97  
GLN H    H N N 98  
GLN H2   H N N 99  
GLN HA   H N N 100 
GLN HB2  H N N 101 
GLN HB3  H N N 102 
GLN HG2  H N N 103 
GLN HG3  H N N 104 
GLN HE21 H N N 105 
GLN HE22 H N N 106 
GLN HXT  H N N 107 
GLU N    N N N 108 
GLU CA   C N S 109 
GLU C    C N N 110 
GLU O    O N N 111 
GLU CB   C N N 112 
GLU CG   C N N 113 
GLU CD   C N N 114 
GLU OE1  O N N 115 
GLU OE2  O N N 116 
GLU OXT  O N N 117 
GLU H    H N N 118 
GLU H2   H N N 119 
GLU HA   H N N 120 
GLU HB2  H N N 121 
GLU HB3  H N N 122 
GLU HG2  H N N 123 
GLU HG3  H N N 124 
GLU HE2  H N N 125 
GLU HXT  H N N 126 
GLY N    N N N 127 
GLY CA   C N N 128 
GLY C    C N N 129 
GLY O    O N N 130 
GLY OXT  O N N 131 
GLY H    H N N 132 
GLY H2   H N N 133 
GLY HA2  H N N 134 
GLY HA3  H N N 135 
GLY HXT  H N N 136 
HIS N    N N N 137 
HIS CA   C N S 138 
HIS C    C N N 139 
HIS O    O N N 140 
HIS CB   C N N 141 
HIS CG   C Y N 142 
HIS ND1  N Y N 143 
HIS CD2  C Y N 144 
HIS CE1  C Y N 145 
HIS NE2  N Y N 146 
HIS OXT  O N N 147 
HIS H    H N N 148 
HIS H2   H N N 149 
HIS HA   H N N 150 
HIS HB2  H N N 151 
HIS HB3  H N N 152 
HIS HD1  H N N 153 
HIS HD2  H N N 154 
HIS HE1  H N N 155 
HIS HE2  H N N 156 
HIS HXT  H N N 157 
ILE N    N N N 158 
ILE CA   C N S 159 
ILE C    C N N 160 
ILE O    O N N 161 
ILE CB   C N S 162 
ILE CG1  C N N 163 
ILE CG2  C N N 164 
ILE CD1  C N N 165 
ILE OXT  O N N 166 
ILE H    H N N 167 
ILE H2   H N N 168 
ILE HA   H N N 169 
ILE HB   H N N 170 
ILE HG12 H N N 171 
ILE HG13 H N N 172 
ILE HG21 H N N 173 
ILE HG22 H N N 174 
ILE HG23 H N N 175 
ILE HD11 H N N 176 
ILE HD12 H N N 177 
ILE HD13 H N N 178 
ILE HXT  H N N 179 
LEU N    N N N 180 
LEU CA   C N S 181 
LEU C    C N N 182 
LEU O    O N N 183 
LEU CB   C N N 184 
LEU CG   C N N 185 
LEU CD1  C N N 186 
LEU CD2  C N N 187 
LEU OXT  O N N 188 
LEU H    H N N 189 
LEU H2   H N N 190 
LEU HA   H N N 191 
LEU HB2  H N N 192 
LEU HB3  H N N 193 
LEU HG   H N N 194 
LEU HD11 H N N 195 
LEU HD12 H N N 196 
LEU HD13 H N N 197 
LEU HD21 H N N 198 
LEU HD22 H N N 199 
LEU HD23 H N N 200 
LEU HXT  H N N 201 
LYS N    N N N 202 
LYS CA   C N S 203 
LYS C    C N N 204 
LYS O    O N N 205 
LYS CB   C N N 206 
LYS CG   C N N 207 
LYS CD   C N N 208 
LYS CE   C N N 209 
LYS NZ   N N N 210 
LYS OXT  O N N 211 
LYS H    H N N 212 
LYS H2   H N N 213 
LYS HA   H N N 214 
LYS HB2  H N N 215 
LYS HB3  H N N 216 
LYS HG2  H N N 217 
LYS HG3  H N N 218 
LYS HD2  H N N 219 
LYS HD3  H N N 220 
LYS HE2  H N N 221 
LYS HE3  H N N 222 
LYS HZ1  H N N 223 
LYS HZ2  H N N 224 
LYS HZ3  H N N 225 
LYS HXT  H N N 226 
MET N    N N N 227 
MET CA   C N S 228 
MET C    C N N 229 
MET O    O N N 230 
MET CB   C N N 231 
MET CG   C N N 232 
MET SD   S N N 233 
MET CE   C N N 234 
MET OXT  O N N 235 
MET H    H N N 236 
MET H2   H N N 237 
MET HA   H N N 238 
MET HB2  H N N 239 
MET HB3  H N N 240 
MET HG2  H N N 241 
MET HG3  H N N 242 
MET HE1  H N N 243 
MET HE2  H N N 244 
MET HE3  H N N 245 
MET HXT  H N N 246 
PHE N    N N N 247 
PHE CA   C N S 248 
PHE C    C N N 249 
PHE O    O N N 250 
PHE CB   C N N 251 
PHE CG   C Y N 252 
PHE CD1  C Y N 253 
PHE CD2  C Y N 254 
PHE CE1  C Y N 255 
PHE CE2  C Y N 256 
PHE CZ   C Y N 257 
PHE OXT  O N N 258 
PHE H    H N N 259 
PHE H2   H N N 260 
PHE HA   H N N 261 
PHE HB2  H N N 262 
PHE HB3  H N N 263 
PHE HD1  H N N 264 
PHE HD2  H N N 265 
PHE HE1  H N N 266 
PHE HE2  H N N 267 
PHE HZ   H N N 268 
PHE HXT  H N N 269 
PRO N    N N N 270 
PRO CA   C N S 271 
PRO C    C N N 272 
PRO O    O N N 273 
PRO CB   C N N 274 
PRO CG   C N N 275 
PRO CD   C N N 276 
PRO OXT  O N N 277 
PRO H    H N N 278 
PRO HA   H N N 279 
PRO HB2  H N N 280 
PRO HB3  H N N 281 
PRO HG2  H N N 282 
PRO HG3  H N N 283 
PRO HD2  H N N 284 
PRO HD3  H N N 285 
PRO HXT  H N N 286 
SER N    N N N 287 
SER CA   C N S 288 
SER C    C N N 289 
SER O    O N N 290 
SER CB   C N N 291 
SER OG   O N N 292 
SER OXT  O N N 293 
SER H    H N N 294 
SER H2   H N N 295 
SER HA   H N N 296 
SER HB2  H N N 297 
SER HB3  H N N 298 
SER HG   H N N 299 
SER HXT  H N N 300 
THR N    N N N 301 
THR CA   C N S 302 
THR C    C N N 303 
THR O    O N N 304 
THR CB   C N R 305 
THR OG1  O N N 306 
THR CG2  C N N 307 
THR OXT  O N N 308 
THR H    H N N 309 
THR H2   H N N 310 
THR HA   H N N 311 
THR HB   H N N 312 
THR HG1  H N N 313 
THR HG21 H N N 314 
THR HG22 H N N 315 
THR HG23 H N N 316 
THR HXT  H N N 317 
TRP N    N N N 318 
TRP CA   C N S 319 
TRP C    C N N 320 
TRP O    O N N 321 
TRP CB   C N N 322 
TRP CG   C Y N 323 
TRP CD1  C Y N 324 
TRP CD2  C Y N 325 
TRP NE1  N Y N 326 
TRP CE2  C Y N 327 
TRP CE3  C Y N 328 
TRP CZ2  C Y N 329 
TRP CZ3  C Y N 330 
TRP CH2  C Y N 331 
TRP OXT  O N N 332 
TRP H    H N N 333 
TRP H2   H N N 334 
TRP HA   H N N 335 
TRP HB2  H N N 336 
TRP HB3  H N N 337 
TRP HD1  H N N 338 
TRP HE1  H N N 339 
TRP HE3  H N N 340 
TRP HZ2  H N N 341 
TRP HZ3  H N N 342 
TRP HH2  H N N 343 
TRP HXT  H N N 344 
TYR N    N N N 345 
TYR CA   C N S 346 
TYR C    C N N 347 
TYR O    O N N 348 
TYR CB   C N N 349 
TYR CG   C Y N 350 
TYR CD1  C Y N 351 
TYR CD2  C Y N 352 
TYR CE1  C Y N 353 
TYR CE2  C Y N 354 
TYR CZ   C Y N 355 
TYR OH   O N N 356 
TYR OXT  O N N 357 
TYR H    H N N 358 
TYR H2   H N N 359 
TYR HA   H N N 360 
TYR HB2  H N N 361 
TYR HB3  H N N 362 
TYR HD1  H N N 363 
TYR HD2  H N N 364 
TYR HE1  H N N 365 
TYR HE2  H N N 366 
TYR HH   H N N 367 
TYR HXT  H N N 368 
VAL N    N N N 369 
VAL CA   C N S 370 
VAL C    C N N 371 
VAL O    O N N 372 
VAL CB   C N N 373 
VAL CG1  C N N 374 
VAL CG2  C N N 375 
VAL OXT  O N N 376 
VAL H    H N N 377 
VAL H2   H N N 378 
VAL HA   H N N 379 
VAL HB   H N N 380 
VAL HG11 H N N 381 
VAL HG12 H N N 382 
VAL HG13 H N N 383 
VAL HG21 H N N 384 
VAL HG22 H N N 385 
VAL HG23 H N N 386 
VAL HXT  H N N 387 
# 
loop_
_chem_comp_bond.comp_id 
_chem_comp_bond.atom_id_1 
_chem_comp_bond.atom_id_2 
_chem_comp_bond.value_order 
_chem_comp_bond.pdbx_aromatic_flag 
_chem_comp_bond.pdbx_stereo_config 
_chem_comp_bond.pdbx_ordinal 
ALA N   CA   sing N N 1   
ALA N   H    sing N N 2   
ALA N   H2   sing N N 3   
ALA CA  C    sing N N 4   
ALA CA  CB   sing N N 5   
ALA CA  HA   sing N N 6   
ALA C   O    doub N N 7   
ALA C   OXT  sing N N 8   
ALA CB  HB1  sing N N 9   
ALA CB  HB2  sing N N 10  
ALA CB  HB3  sing N N 11  
ALA OXT HXT  sing N N 12  
ARG N   CA   sing N N 13  
ARG N   H    sing N N 14  
ARG N   H2   sing N N 15  
ARG CA  C    sing N N 16  
ARG CA  CB   sing N N 17  
ARG CA  HA   sing N N 18  
ARG C   O    doub N N 19  
ARG C   OXT  sing N N 20  
ARG CB  CG   sing N N 21  
ARG CB  HB2  sing N N 22  
ARG CB  HB3  sing N N 23  
ARG CG  CD   sing N N 24  
ARG CG  HG2  sing N N 25  
ARG CG  HG3  sing N N 26  
ARG CD  NE   sing N N 27  
ARG CD  HD2  sing N N 28  
ARG CD  HD3  sing N N 29  
ARG NE  CZ   sing N N 30  
ARG NE  HE   sing N N 31  
ARG CZ  NH1  sing N N 32  
ARG CZ  NH2  doub N N 33  
ARG NH1 HH11 sing N N 34  
ARG NH1 HH12 sing N N 35  
ARG NH2 HH21 sing N N 36  
ARG NH2 HH22 sing N N 37  
ARG OXT HXT  sing N N 38  
ASN N   CA   sing N N 39  
ASN N   H    sing N N 40  
ASN N   H2   sing N N 41  
ASN CA  C    sing N N 42  
ASN CA  CB   sing N N 43  
ASN CA  HA   sing N N 44  
ASN C   O    doub N N 45  
ASN C   OXT  sing N N 46  
ASN CB  CG   sing N N 47  
ASN CB  HB2  sing N N 48  
ASN CB  HB3  sing N N 49  
ASN CG  OD1  doub N N 50  
ASN CG  ND2  sing N N 51  
ASN ND2 HD21 sing N N 52  
ASN ND2 HD22 sing N N 53  
ASN OXT HXT  sing N N 54  
ASP N   CA   sing N N 55  
ASP N   H    sing N N 56  
ASP N   H2   sing N N 57  
ASP CA  C    sing N N 58  
ASP CA  CB   sing N N 59  
ASP CA  HA   sing N N 60  
ASP C   O    doub N N 61  
ASP C   OXT  sing N N 62  
ASP CB  CG   sing N N 63  
ASP CB  HB2  sing N N 64  
ASP CB  HB3  sing N N 65  
ASP CG  OD1  doub N N 66  
ASP CG  OD2  sing N N 67  
ASP OD2 HD2  sing N N 68  
ASP OXT HXT  sing N N 69  
CYS N   CA   sing N N 70  
CYS N   H    sing N N 71  
CYS N   H2   sing N N 72  
CYS CA  C    sing N N 73  
CYS CA  CB   sing N N 74  
CYS CA  HA   sing N N 75  
CYS C   O    doub N N 76  
CYS C   OXT  sing N N 77  
CYS CB  SG   sing N N 78  
CYS CB  HB2  sing N N 79  
CYS CB  HB3  sing N N 80  
CYS SG  HG   sing N N 81  
CYS OXT HXT  sing N N 82  
GLN N   CA   sing N N 83  
GLN N   H    sing N N 84  
GLN N   H2   sing N N 85  
GLN CA  C    sing N N 86  
GLN CA  CB   sing N N 87  
GLN CA  HA   sing N N 88  
GLN C   O    doub N N 89  
GLN C   OXT  sing N N 90  
GLN CB  CG   sing N N 91  
GLN CB  HB2  sing N N 92  
GLN CB  HB3  sing N N 93  
GLN CG  CD   sing N N 94  
GLN CG  HG2  sing N N 95  
GLN CG  HG3  sing N N 96  
GLN CD  OE1  doub N N 97  
GLN CD  NE2  sing N N 98  
GLN NE2 HE21 sing N N 99  
GLN NE2 HE22 sing N N 100 
GLN OXT HXT  sing N N 101 
GLU N   CA   sing N N 102 
GLU N   H    sing N N 103 
GLU N   H2   sing N N 104 
GLU CA  C    sing N N 105 
GLU CA  CB   sing N N 106 
GLU CA  HA   sing N N 107 
GLU C   O    doub N N 108 
GLU C   OXT  sing N N 109 
GLU CB  CG   sing N N 110 
GLU CB  HB2  sing N N 111 
GLU CB  HB3  sing N N 112 
GLU CG  CD   sing N N 113 
GLU CG  HG2  sing N N 114 
GLU CG  HG3  sing N N 115 
GLU CD  OE1  doub N N 116 
GLU CD  OE2  sing N N 117 
GLU OE2 HE2  sing N N 118 
GLU OXT HXT  sing N N 119 
GLY N   CA   sing N N 120 
GLY N   H    sing N N 121 
GLY N   H2   sing N N 122 
GLY CA  C    sing N N 123 
GLY CA  HA2  sing N N 124 
GLY CA  HA3  sing N N 125 
GLY C   O    doub N N 126 
GLY C   OXT  sing N N 127 
GLY OXT HXT  sing N N 128 
HIS N   CA   sing N N 129 
HIS N   H    sing N N 130 
HIS N   H2   sing N N 131 
HIS CA  C    sing N N 132 
HIS CA  CB   sing N N 133 
HIS CA  HA   sing N N 134 
HIS C   O    doub N N 135 
HIS C   OXT  sing N N 136 
HIS CB  CG   sing N N 137 
HIS CB  HB2  sing N N 138 
HIS CB  HB3  sing N N 139 
HIS CG  ND1  sing Y N 140 
HIS CG  CD2  doub Y N 141 
HIS ND1 CE1  doub Y N 142 
HIS ND1 HD1  sing N N 143 
HIS CD2 NE2  sing Y N 144 
HIS CD2 HD2  sing N N 145 
HIS CE1 NE2  sing Y N 146 
HIS CE1 HE1  sing N N 147 
HIS NE2 HE2  sing N N 148 
HIS OXT HXT  sing N N 149 
ILE N   CA   sing N N 150 
ILE N   H    sing N N 151 
ILE N   H2   sing N N 152 
ILE CA  C    sing N N 153 
ILE CA  CB   sing N N 154 
ILE CA  HA   sing N N 155 
ILE C   O    doub N N 156 
ILE C   OXT  sing N N 157 
ILE CB  CG1  sing N N 158 
ILE CB  CG2  sing N N 159 
ILE CB  HB   sing N N 160 
ILE CG1 CD1  sing N N 161 
ILE CG1 HG12 sing N N 162 
ILE CG1 HG13 sing N N 163 
ILE CG2 HG21 sing N N 164 
ILE CG2 HG22 sing N N 165 
ILE CG2 HG23 sing N N 166 
ILE CD1 HD11 sing N N 167 
ILE CD1 HD12 sing N N 168 
ILE CD1 HD13 sing N N 169 
ILE OXT HXT  sing N N 170 
LEU N   CA   sing N N 171 
LEU N   H    sing N N 172 
LEU N   H2   sing N N 173 
LEU CA  C    sing N N 174 
LEU CA  CB   sing N N 175 
LEU CA  HA   sing N N 176 
LEU C   O    doub N N 177 
LEU C   OXT  sing N N 178 
LEU CB  CG   sing N N 179 
LEU CB  HB2  sing N N 180 
LEU CB  HB3  sing N N 181 
LEU CG  CD1  sing N N 182 
LEU CG  CD2  sing N N 183 
LEU CG  HG   sing N N 184 
LEU CD1 HD11 sing N N 185 
LEU CD1 HD12 sing N N 186 
LEU CD1 HD13 sing N N 187 
LEU CD2 HD21 sing N N 188 
LEU CD2 HD22 sing N N 189 
LEU CD2 HD23 sing N N 190 
LEU OXT HXT  sing N N 191 
LYS N   CA   sing N N 192 
LYS N   H    sing N N 193 
LYS N   H2   sing N N 194 
LYS CA  C    sing N N 195 
LYS CA  CB   sing N N 196 
LYS CA  HA   sing N N 197 
LYS C   O    doub N N 198 
LYS C   OXT  sing N N 199 
LYS CB  CG   sing N N 200 
LYS CB  HB2  sing N N 201 
LYS CB  HB3  sing N N 202 
LYS CG  CD   sing N N 203 
LYS CG  HG2  sing N N 204 
LYS CG  HG3  sing N N 205 
LYS CD  CE   sing N N 206 
LYS CD  HD2  sing N N 207 
LYS CD  HD3  sing N N 208 
LYS CE  NZ   sing N N 209 
LYS CE  HE2  sing N N 210 
LYS CE  HE3  sing N N 211 
LYS NZ  HZ1  sing N N 212 
LYS NZ  HZ2  sing N N 213 
LYS NZ  HZ3  sing N N 214 
LYS OXT HXT  sing N N 215 
MET N   CA   sing N N 216 
MET N   H    sing N N 217 
MET N   H2   sing N N 218 
MET CA  C    sing N N 219 
MET CA  CB   sing N N 220 
MET CA  HA   sing N N 221 
MET C   O    doub N N 222 
MET C   OXT  sing N N 223 
MET CB  CG   sing N N 224 
MET CB  HB2  sing N N 225 
MET CB  HB3  sing N N 226 
MET CG  SD   sing N N 227 
MET CG  HG2  sing N N 228 
MET CG  HG3  sing N N 229 
MET SD  CE   sing N N 230 
MET CE  HE1  sing N N 231 
MET CE  HE2  sing N N 232 
MET CE  HE3  sing N N 233 
MET OXT HXT  sing N N 234 
PHE N   CA   sing N N 235 
PHE N   H    sing N N 236 
PHE N   H2   sing N N 237 
PHE CA  C    sing N N 238 
PHE CA  CB   sing N N 239 
PHE CA  HA   sing N N 240 
PHE C   O    doub N N 241 
PHE C   OXT  sing N N 242 
PHE CB  CG   sing N N 243 
PHE CB  HB2  sing N N 244 
PHE CB  HB3  sing N N 245 
PHE CG  CD1  doub Y N 246 
PHE CG  CD2  sing Y N 247 
PHE CD1 CE1  sing Y N 248 
PHE CD1 HD1  sing N N 249 
PHE CD2 CE2  doub Y N 250 
PHE CD2 HD2  sing N N 251 
PHE CE1 CZ   doub Y N 252 
PHE CE1 HE1  sing N N 253 
PHE CE2 CZ   sing Y N 254 
PHE CE2 HE2  sing N N 255 
PHE CZ  HZ   sing N N 256 
PHE OXT HXT  sing N N 257 
PRO N   CA   sing N N 258 
PRO N   CD   sing N N 259 
PRO N   H    sing N N 260 
PRO CA  C    sing N N 261 
PRO CA  CB   sing N N 262 
PRO CA  HA   sing N N 263 
PRO C   O    doub N N 264 
PRO C   OXT  sing N N 265 
PRO CB  CG   sing N N 266 
PRO CB  HB2  sing N N 267 
PRO CB  HB3  sing N N 268 
PRO CG  CD   sing N N 269 
PRO CG  HG2  sing N N 270 
PRO CG  HG3  sing N N 271 
PRO CD  HD2  sing N N 272 
PRO CD  HD3  sing N N 273 
PRO OXT HXT  sing N N 274 
SER N   CA   sing N N 275 
SER N   H    sing N N 276 
SER N   H2   sing N N 277 
SER CA  C    sing N N 278 
SER CA  CB   sing N N 279 
SER CA  HA   sing N N 280 
SER C   O    doub N N 281 
SER C   OXT  sing N N 282 
SER CB  OG   sing N N 283 
SER CB  HB2  sing N N 284 
SER CB  HB3  sing N N 285 
SER OG  HG   sing N N 286 
SER OXT HXT  sing N N 287 
THR N   CA   sing N N 288 
THR N   H    sing N N 289 
THR N   H2   sing N N 290 
THR CA  C    sing N N 291 
THR CA  CB   sing N N 292 
THR CA  HA   sing N N 293 
THR C   O    doub N N 294 
THR C   OXT  sing N N 295 
THR CB  OG1  sing N N 296 
THR CB  CG2  sing N N 297 
THR CB  HB   sing N N 298 
THR OG1 HG1  sing N N 299 
THR CG2 HG21 sing N N 300 
THR CG2 HG22 sing N N 301 
THR CG2 HG23 sing N N 302 
THR OXT HXT  sing N N 303 
TRP N   CA   sing N N 304 
TRP N   H    sing N N 305 
TRP N   H2   sing N N 306 
TRP CA  C    sing N N 307 
TRP CA  CB   sing N N 308 
TRP CA  HA   sing N N 309 
TRP C   O    doub N N 310 
TRP C   OXT  sing N N 311 
TRP CB  CG   sing N N 312 
TRP CB  HB2  sing N N 313 
TRP CB  HB3  sing N N 314 
TRP CG  CD1  doub Y N 315 
TRP CG  CD2  sing Y N 316 
TRP CD1 NE1  sing Y N 317 
TRP CD1 HD1  sing N N 318 
TRP CD2 CE2  doub Y N 319 
TRP CD2 CE3  sing Y N 320 
TRP NE1 CE2  sing Y N 321 
TRP NE1 HE1  sing N N 322 
TRP CE2 CZ2  sing Y N 323 
TRP CE3 CZ3  doub Y N 324 
TRP CE3 HE3  sing N N 325 
TRP CZ2 CH2  doub Y N 326 
TRP CZ2 HZ2  sing N N 327 
TRP CZ3 CH2  sing Y N 328 
TRP CZ3 HZ3  sing N N 329 
TRP CH2 HH2  sing N N 330 
TRP OXT HXT  sing N N 331 
TYR N   CA   sing N N 332 
TYR N   H    sing N N 333 
TYR N   H2   sing N N 334 
TYR CA  C    sing N N 335 
TYR CA  CB   sing N N 336 
TYR CA  HA   sing N N 337 
TYR C   O    doub N N 338 
TYR C   OXT  sing N N 339 
TYR CB  CG   sing N N 340 
TYR CB  HB2  sing N N 341 
TYR CB  HB3  sing N N 342 
TYR CG  CD1  doub Y N 343 
TYR CG  CD2  sing Y N 344 
TYR CD1 CE1  sing Y N 345 
TYR CD1 HD1  sing N N 346 
TYR CD2 CE2  doub Y N 347 
TYR CD2 HD2  sing N N 348 
TYR CE1 CZ   doub Y N 349 
TYR CE1 HE1  sing N N 350 
TYR CE2 CZ   sing Y N 351 
TYR CE2 HE2  sing N N 352 
TYR CZ  OH   sing N N 353 
TYR OH  HH   sing N N 354 
TYR OXT HXT  sing N N 355 
VAL N   CA   sing N N 356 
VAL N   H    sing N N 357 
VAL N   H2   sing N N 358 
VAL CA  C    sing N N 359 
VAL CA  CB   sing N N 360 
VAL CA  HA   sing N N 361 
VAL C   O    doub N N 362 
VAL C   OXT  sing N N 363 
VAL CB  CG1  sing N N 364 
VAL CB  CG2  sing N N 365 
VAL CB  HB   sing N N 366 
VAL CG1 HG11 sing N N 367 
VAL CG1 HG12 sing N N 368 
VAL CG1 HG13 sing N N 369 
VAL CG2 HG21 sing N N 370 
VAL CG2 HG22 sing N N 371 
VAL CG2 HG23 sing N N 372 
VAL OXT HXT  sing N N 373 
# 
_pdbx_coordinate_model.asym_id   A 
_pdbx_coordinate_model.type      'CA ATOMS ONLY' 
# 
_atom_sites.entry_id                    3CBH 
_atom_sites.fract_transf_matrix[1][1]   -0.00729007 
_atom_sites.fract_transf_matrix[1][2]   0.01950427 
_atom_sites.fract_transf_matrix[1][3]   0.00201809 
_atom_sites.fract_transf_matrix[2][1]   0.00583153 
_atom_sites.fract_transf_matrix[2][2]   0.00335391 
_atom_sites.fract_transf_matrix[2][3]   -0.01134900 
_atom_sites.fract_transf_matrix[3][1]   -0.00977667 
_atom_sites.fract_transf_matrix[3][2]   -0.00041392 
_atom_sites.fract_transf_matrix[3][3]   -0.00514593 
_atom_sites.fract_transf_vector[1]      0.679014 
_atom_sites.fract_transf_vector[2]      0.534166 
_atom_sites.fract_transf_vector[3]      0.472835 
# 
_atom_sites_footnote.id     1 
_atom_sites_footnote.text   'RESIDUES 358, 423, AND 444 ARE CIS PROLINES.' 
# 
_atom_type.symbol   C 
# 
loop_
_atom_site.group_PDB 
_atom_site.id 
_atom_site.type_symbol 
_atom_site.label_atom_id 
_atom_site.label_alt_id 
_atom_site.label_comp_id 
_atom_site.label_asym_id 
_atom_site.label_entity_id 
_atom_site.label_seq_id 
_atom_site.pdbx_PDB_ins_code 
_atom_site.Cartn_x 
_atom_site.Cartn_y 
_atom_site.Cartn_z 
_atom_site.occupancy 
_atom_site.B_iso_or_equiv 
_atom_site.pdbx_formal_charge 
_atom_site.auth_seq_id 
_atom_site.auth_comp_id 
_atom_site.auth_asym_id 
_atom_site.auth_atom_id 
_atom_site.pdbx_PDB_model_num 
ATOM 1   C CA . SER A 1 1   ? -2.300  -26.133 -6.636  1.00 70.32 ? 83  SER A CA 1 
ATOM 2   C CA . GLY A 1 2   ? -3.056  -25.788 -10.360 1.00 68.04 ? 84  GLY A CA 1 
ATOM 3   C CA . THR A 1 3   ? -5.178  -22.837 -11.749 1.00 60.13 ? 85  THR A CA 1 
ATOM 4   C CA . ALA A 1 4   ? -4.972  -18.932 -12.053 1.00 37.17 ? 86  ALA A CA 1 
ATOM 5   C CA . THR A 1 5   ? -1.436  -18.505 -13.407 1.00 32.85 ? 87  THR A CA 1 
ATOM 6   C CA . TYR A 1 6   ? 0.214   -15.777 -15.440 1.00 22.24 ? 88  TYR A CA 1 
ATOM 7   C CA . SER A 1 7   ? 3.476   -14.933 -17.116 1.00 25.26 ? 89  SER A CA 1 
ATOM 8   C CA . GLY A 1 8   ? 4.897   -11.433 -16.857 1.00 17.46 ? 90  GLY A CA 1 
ATOM 9   C CA . ASN A 1 9   ? 2.770   -8.495  -15.637 1.00 12.69 ? 91  ASN A CA 1 
ATOM 10  C CA . PRO A 1 10  ? -0.002  -9.997  -13.408 1.00 12.40 ? 92  PRO A CA 1 
ATOM 11  C CA . PHE A 1 11  ? -2.273  -6.978  -14.008 1.00 13.03 ? 93  PHE A CA 1 
ATOM 12  C CA . VAL A 1 12  ? -2.668  -7.962  -17.676 1.00 17.34 ? 94  VAL A CA 1 
ATOM 13  C CA . GLY A 1 13  ? -5.528  -10.327 -18.519 1.00 15.22 ? 95  GLY A CA 1 
ATOM 14  C CA . VAL A 1 14  ? -7.600  -9.714  -15.336 1.00 15.18 ? 96  VAL A CA 1 
ATOM 15  C CA . THR A 1 15  ? -9.586  -6.796  -13.897 1.00 17.57 ? 97  THR A CA 1 
ATOM 16  C CA . PRO A 1 16  ? -9.023  -5.993  -10.179 1.00 15.50 ? 98  PRO A CA 1 
ATOM 17  C CA . TRP A 1 17  ? -12.031 -6.318  -7.901  1.00 10.80 ? 99  TRP A CA 1 
ATOM 18  C CA . ALA A 1 18  ? -13.595 -3.311  -6.191  1.00 9.22  ? 100 ALA A CA 1 
ATOM 19  C CA . ASN A 1 19  ? -14.455 -4.880  -2.885  1.00 12.98 ? 101 ASN A CA 1 
ATOM 20  C CA . ALA A 1 20  ? -17.660 -4.782  -0.911  1.00 12.65 ? 102 ALA A CA 1 
ATOM 21  C CA . TYR A 1 21  ? -16.089 -3.420  2.314   1.00 12.15 ? 103 TYR A CA 1 
ATOM 22  C CA . TYR A 1 22  ? -15.015 -0.103  0.740   1.00 13.19 ? 104 TYR A CA 1 
ATOM 23  C CA . ALA A 1 23  ? -18.283 0.029   -1.247  1.00 11.90 ? 105 ALA A CA 1 
ATOM 24  C CA . SER A 1 24  ? -20.238 -0.432  2.012   1.00 11.80 ? 106 SER A CA 1 
ATOM 25  C CA . GLU A 1 25  ? -18.319 2.500   3.633   1.00 9.05  ? 107 GLU A CA 1 
ATOM 26  C CA . VAL A 1 26  ? -19.018 4.885   0.725   1.00 10.19 ? 108 VAL A CA 1 
ATOM 27  C CA . SER A 1 27  ? -22.671 3.771   0.248   1.00 14.65 ? 109 SER A CA 1 
ATOM 28  C CA . SER A 1 28  ? -23.603 3.628   3.950   1.00 16.87 ? 110 SER A CA 1 
ATOM 29  C CA . LEU A 1 29  ? -21.378 6.181   5.658   1.00 12.54 ? 111 LEU A CA 1 
ATOM 30  C CA . ALA A 1 30  ? -20.770 8.781   2.927   1.00 11.32 ? 112 ALA A CA 1 
ATOM 31  C CA . ILE A 1 31  ? -23.626 8.893   0.415   1.00 11.87 ? 113 ILE A CA 1 
ATOM 32  C CA . PRO A 1 32  ? -26.470 9.300   3.105   1.00 16.16 ? 114 PRO A CA 1 
ATOM 33  C CA . SER A 1 33  ? -24.754 12.592  4.068   1.00 17.68 ? 115 SER A CA 1 
ATOM 34  C CA . LEU A 1 34  ? -24.286 13.823  0.489   1.00 15.88 ? 116 LEU A CA 1 
ATOM 35  C CA . THR A 1 35  ? -26.721 15.177  -2.057  1.00 21.77 ? 117 THR A CA 1 
ATOM 36  C CA . GLY A 1 36  ? -27.004 15.814  -5.797  1.00 17.25 ? 118 GLY A CA 1 
ATOM 37  C CA . ALA A 1 37  ? -23.845 15.838  -7.921  1.00 14.97 ? 119 ALA A CA 1 
ATOM 38  C CA . MET A 1 38  ? -21.673 14.890  -4.901  1.00 20.23 ? 120 MET A CA 1 
ATOM 39  C CA . ALA A 1 39  ? -23.794 11.864  -4.010  1.00 13.49 ? 121 ALA A CA 1 
ATOM 40  C CA . THR A 1 40  ? -23.696 10.650  -7.674  1.00 15.09 ? 122 THR A CA 1 
ATOM 41  C CA . ALA A 1 41  ? -19.940 11.167  -8.009  1.00 13.49 ? 123 ALA A CA 1 
ATOM 42  C CA . ALA A 1 42  ? -19.369 9.373   -4.660  1.00 12.23 ? 124 ALA A CA 1 
ATOM 43  C CA . ALA A 1 43  ? -21.264 6.301   -5.947  1.00 10.46 ? 125 ALA A CA 1 
ATOM 44  C CA . ALA A 1 44  ? -18.740 6.129   -8.832  1.00 7.58  ? 126 ALA A CA 1 
ATOM 45  C CA . VAL A 1 45  ? -15.706 6.152   -6.472  1.00 8.65  ? 127 VAL A CA 1 
ATOM 46  C CA . ALA A 1 46  ? -16.991 2.940   -4.866  1.00 11.68 ? 128 ALA A CA 1 
ATOM 47  C CA . LYS A 1 47  ? -16.470 1.132   -8.215  1.00 11.32 ? 129 LYS A CA 1 
ATOM 48  C CA . VAL A 1 48  ? -12.773 2.076   -8.475  1.00 9.97  ? 130 VAL A CA 1 
ATOM 49  C CA . PRO A 1 49  ? -10.676 -0.975  -7.319  1.00 7.85  ? 131 PRO A CA 1 
ATOM 50  C CA . SER A 1 50  ? -8.476  -0.420  -4.261  1.00 9.28  ? 132 SER A CA 1 
ATOM 51  C CA . PHE A 1 51  ? -6.574  -2.745  -1.899  1.00 7.85  ? 133 PHE A CA 1 
ATOM 52  C CA . MET A 1 52  ? -8.124  -4.421  1.131   1.00 9.46  ? 134 MET A CA 1 
ATOM 53  C CA . TRP A 1 53  ? -5.808  -4.202  4.169   1.00 11.11 ? 135 TRP A CA 1 
ATOM 54  C CA . LEU A 1 54  ? -5.397  -7.243  6.375   1.00 10.62 ? 136 LEU A CA 1 
ATOM 55  C CA . ASP A 1 55  ? -3.969  -5.328  9.300   1.00 10.63 ? 137 ASP A CA 1 
ATOM 56  C CA . THR A 1 56  ? -5.106  -7.757  12.056  1.00 9.94  ? 138 THR A CA 1 
ATOM 57  C CA . LEU A 1 57  ? -5.670  -11.552 12.230  1.00 12.07 ? 139 LEU A CA 1 
ATOM 58  C CA . ASP A 1 58  ? -9.432  -10.924 12.754  1.00 14.44 ? 140 ASP A CA 1 
ATOM 59  C CA . LYS A 1 59  ? -9.552  -9.437  9.226   1.00 14.98 ? 141 LYS A CA 1 
ATOM 60  C CA . THR A 1 60  ? -8.550  -12.724 7.502   1.00 14.70 ? 142 THR A CA 1 
ATOM 61  C CA . PRO A 1 61  ? -12.250 -13.957 7.456   1.00 16.49 ? 143 PRO A CA 1 
ATOM 62  C CA . LEU A 1 62  ? -12.935 -10.900 5.203   1.00 17.28 ? 144 LEU A CA 1 
ATOM 63  C CA . MET A 1 63  ? -10.219 -12.057 2.819   1.00 8.64  ? 145 MET A CA 1 
ATOM 64  C CA . GLU A 1 64  ? -11.980 -15.441 2.439   1.00 14.19 ? 146 GLU A CA 1 
ATOM 65  C CA . GLN A 1 65  ? -15.360 -13.764 1.804   1.00 15.41 ? 147 GLN A CA 1 
ATOM 66  C CA . THR A 1 66  ? -13.865 -11.261 -0.724  1.00 13.28 ? 148 THR A CA 1 
ATOM 67  C CA . LEU A 1 67  ? -12.401 -14.255 -2.546  1.00 12.46 ? 149 LEU A CA 1 
ATOM 68  C CA . ALA A 1 68  ? -15.776 -16.047 -2.280  1.00 8.93  ? 150 ALA A CA 1 
ATOM 69  C CA . ASP A 1 69  ? -17.439 -13.009 -3.980  1.00 8.66  ? 151 ASP A CA 1 
ATOM 70  C CA . ILE A 1 70  ? -14.845 -12.925 -6.759  1.00 8.32  ? 152 ILE A CA 1 
ATOM 71  C CA . ARG A 1 71  ? -15.340 -16.694 -7.426  1.00 14.43 ? 153 ARG A CA 1 
ATOM 72  C CA . THR A 1 72  ? -19.080 -16.048 -7.830  1.00 15.69 ? 154 THR A CA 1 
ATOM 73  C CA . ALA A 1 73  ? -18.472 -13.016 -10.088 1.00 13.51 ? 155 ALA A CA 1 
ATOM 74  C CA . ASN A 1 74  ? -16.022 -14.991 -12.235 1.00 18.20 ? 156 ASN A CA 1 
ATOM 75  C CA . LYS A 1 75  ? -18.656 -17.679 -12.799 1.00 24.05 ? 157 LYS A CA 1 
ATOM 76  C CA . ASN A 1 76  ? -20.953 -15.008 -14.282 1.00 23.55 ? 158 ASN A CA 1 
ATOM 77  C CA . GLY A 1 77  ? -18.473 -13.768 -16.866 1.00 23.92 ? 159 GLY A CA 1 
ATOM 78  C CA . GLY A 1 78  ? -16.246 -11.740 -14.481 1.00 22.19 ? 160 GLY A CA 1 
ATOM 79  C CA . ASN A 1 79  ? -12.466 -11.893 -14.873 1.00 24.04 ? 161 ASN A CA 1 
ATOM 80  C CA . TYR A 1 80  ? -11.542 -10.513 -11.520 1.00 14.34 ? 162 TYR A CA 1 
ATOM 81  C CA . ALA A 1 81  ? -8.461  -10.606 -9.361  1.00 10.49 ? 163 ALA A CA 1 
ATOM 82  C CA . GLY A 1 82  ? -8.131  -10.032 -5.576  1.00 5.06  ? 164 GLY A CA 1 
ATOM 83  C CA . GLN A 1 83  ? -5.974  -7.253  -4.062  1.00 7.66  ? 165 GLN A CA 1 
ATOM 84  C CA . PHE A 1 84  ? -4.774  -7.328  -0.428  1.00 7.24  ? 166 PHE A CA 1 
ATOM 85  C CA . VAL A 1 85  ? -2.131  -5.812  1.851   1.00 6.58  ? 167 VAL A CA 1 
ATOM 86  C CA . VAL A 1 86  ? -0.295  -8.072  4.322   1.00 7.85  ? 168 VAL A CA 1 
ATOM 87  C CA . TYR A 1 87  ? 0.356   -5.691  7.269   1.00 5.50  ? 169 TYR A CA 1 
ATOM 88  C CA . ASP A 1 88  ? 0.877   -7.197  10.705  1.00 8.65  ? 170 ASP A CA 1 
ATOM 89  C CA . LEU A 1 89  ? 4.614   -7.469  11.444  1.00 8.51  ? 171 LEU A CA 1 
ATOM 90  C CA . PRO A 1 90  ? 5.700   -7.816  15.161  1.00 11.78 ? 172 PRO A CA 1 
ATOM 91  C CA . ASP A 1 91  ? 6.617   -4.340  16.469  1.00 12.64 ? 173 ASP A CA 1 
ATOM 92  C CA . ARG A 1 92  ? 5.034   -2.882  13.361  1.00 11.25 ? 174 ARG A CA 1 
ATOM 93  C CA . ASP A 1 93  ? 6.037   0.643   12.275  1.00 10.52 ? 175 ASP A CA 1 
ATOM 94  C CA . CYS A 1 94  ? 9.155   0.803   14.485  1.00 11.37 ? 176 CYS A CA 1 
ATOM 95  C CA . ALA A 1 95  ? 9.988   4.466   13.818  1.00 12.07 ? 177 ALA A CA 1 
ATOM 96  C CA . ALA A 1 96  ? 6.443   5.777   14.515  1.00 20.90 ? 178 ALA A CA 1 
ATOM 97  C CA . LEU A 1 97  ? 5.353   7.747   17.586  1.00 28.55 ? 179 LEU A CA 1 
ATOM 98  C CA . ALA A 1 98  ? 2.409   5.378   17.940  1.00 31.19 ? 180 ALA A CA 1 
ATOM 99  C CA . SER A 1 99  ? 1.611   2.057   16.335  1.00 29.68 ? 181 SER A CA 1 
ATOM 100 C CA . ASN A 1 100 ? -1.670  0.149   16.161  1.00 27.36 ? 182 ASN A CA 1 
ATOM 101 C CA . GLY A 1 101 ? 0.125   -3.192  15.474  1.00 15.92 ? 183 GLY A CA 1 
ATOM 102 C CA . GLU A 1 102 ? -1.249  -6.036  17.643  1.00 13.27 ? 184 GLU A CA 1 
ATOM 103 C CA . TYR A 1 103 ? 1.874   -8.238  17.872  1.00 11.89 ? 185 TYR A CA 1 
ATOM 104 C CA . SER A 1 104 ? 4.973   -7.468  19.910  1.00 18.20 ? 186 SER A CA 1 
ATOM 105 C CA . ILE A 1 105 ? 8.389   -9.210  19.359  1.00 15.29 ? 187 ILE A CA 1 
ATOM 106 C CA . ALA A 1 106 ? 8.764   -9.453  23.168  1.00 19.19 ? 188 ALA A CA 1 
ATOM 107 C CA . ASP A 1 107 ? 5.506   -11.406 23.531  1.00 22.39 ? 189 ASP A CA 1 
ATOM 108 C CA . GLY A 1 108 ? 6.037   -14.166 20.979  1.00 17.18 ? 190 GLY A CA 1 
ATOM 109 C CA . GLY A 1 109 ? 5.407   -11.796 17.996  1.00 14.13 ? 191 GLY A CA 1 
ATOM 110 C CA . VAL A 1 110 ? 7.455   -13.766 15.410  1.00 12.68 ? 192 VAL A CA 1 
ATOM 111 C CA . ALA A 1 111 ? 5.584   -16.998 16.138  1.00 10.98 ? 193 ALA A CA 1 
ATOM 112 C CA . LYS A 1 112 ? 2.276   -15.123 16.058  1.00 13.26 ? 194 LYS A CA 1 
ATOM 113 C CA . TYR A 1 113 ? 3.255   -13.580 12.676  1.00 9.88  ? 195 TYR A CA 1 
ATOM 114 C CA . LYS A 1 114 ? 4.050   -17.033 11.259  1.00 11.34 ? 196 LYS A CA 1 
ATOM 115 C CA . ASN A 1 115 ? 0.558   -18.169 12.460  1.00 9.13  ? 197 ASN A CA 1 
ATOM 116 C CA . TYR A 1 116 ? -0.962  -15.117 10.688  1.00 9.57  ? 198 TYR A CA 1 
ATOM 117 C CA . ILE A 1 117 ? 0.838   -16.100 7.444   1.00 9.49  ? 199 ILE A CA 1 
ATOM 118 C CA . ASP A 1 118 ? -0.226  -19.763 7.738   1.00 8.11  ? 200 ASP A CA 1 
ATOM 119 C CA . THR A 1 119 ? -3.812  -18.611 8.063   1.00 13.23 ? 201 THR A CA 1 
ATOM 120 C CA . ILE A 1 120 ? -3.442  -16.523 4.846   1.00 11.07 ? 202 ILE A CA 1 
ATOM 121 C CA . ARG A 1 121 ? -1.678  -19.380 2.903   1.00 11.71 ? 203 ARG A CA 1 
ATOM 122 C CA . GLN A 1 122 ? -4.613  -21.766 3.585   1.00 15.73 ? 204 GLN A CA 1 
ATOM 123 C CA . ILE A 1 123 ? -7.063  -19.214 2.113   1.00 11.91 ? 205 ILE A CA 1 
ATOM 124 C CA . VAL A 1 124 ? -4.850  -18.669 -0.955  1.00 11.79 ? 206 VAL A CA 1 
ATOM 125 C CA . VAL A 1 125 ? -4.484  -22.462 -1.549  1.00 12.62 ? 207 VAL A CA 1 
ATOM 126 C CA . GLU A 1 126 ? -8.280  -22.957 -1.331  1.00 17.90 ? 208 GLU A CA 1 
ATOM 127 C CA . TYR A 1 127 ? -8.744  -20.056 -3.769  1.00 11.67 ? 209 TYR A CA 1 
ATOM 128 C CA . SER A 1 128 ? -6.123  -21.200 -6.278  1.00 15.07 ? 210 SER A CA 1 
ATOM 129 C CA . ASP A 1 129 ? -8.523  -20.323 -9.060  1.00 13.01 ? 211 ASP A CA 1 
ATOM 130 C CA . ILE A 1 130 ? -8.238  -16.589 -8.326  1.00 11.80 ? 212 ILE A CA 1 
ATOM 131 C CA . ARG A 1 131 ? -5.229  -14.395 -9.151  1.00 13.53 ? 213 ARG A CA 1 
ATOM 132 C CA . THR A 1 132 ? -4.188  -12.677 -5.910  1.00 11.25 ? 214 THR A CA 1 
ATOM 133 C CA . LEU A 1 133 ? -2.140  -9.470  -5.944  1.00 12.40 ? 215 LEU A CA 1 
ATOM 134 C CA . LEU A 1 134 ? -0.337  -8.640  -2.651  1.00 8.28  ? 216 LEU A CA 1 
ATOM 135 C CA . VAL A 1 135 ? 1.612   -5.726  -1.197  1.00 8.34  ? 217 VAL A CA 1 
ATOM 136 C CA . ILE A 1 136 ? 3.928   -7.131  1.466   1.00 7.95  ? 218 ILE A CA 1 
ATOM 137 C CA . GLU A 1 137 ? 4.346   -5.061  4.602   1.00 8.77  ? 219 GLU A CA 1 
ATOM 138 C CA . PRO A 1 138 ? 4.144   -1.243  4.264   1.00 9.94  ? 220 PRO A CA 1 
ATOM 139 C CA . ASP A 1 139 ? 6.599   0.743   6.405   1.00 9.31  ? 221 ASP A CA 1 
ATOM 140 C CA . SER A 1 140 ? 8.831   -2.177  7.322   1.00 8.06  ? 222 SER A CA 1 
ATOM 141 C CA . LEU A 1 141 ? 12.101  -2.628  5.300   1.00 9.11  ? 223 LEU A CA 1 
ATOM 142 C CA . ALA A 1 142 ? 12.425  1.093   4.435   1.00 10.49 ? 224 ALA A CA 1 
ATOM 143 C CA . ASN A 1 143 ? 13.029  1.758   8.161   1.00 12.22 ? 225 ASN A CA 1 
ATOM 144 C CA . LEU A 1 144 ? 16.069  -0.509  8.077   1.00 8.90  ? 226 LEU A CA 1 
ATOM 145 C CA . VAL A 1 145 ? 17.562  1.819   5.412   1.00 15.50 ? 227 VAL A CA 1 
ATOM 146 C CA . THR A 1 146 ? 17.320  5.147   7.302   1.00 10.41 ? 228 THR A CA 1 
ATOM 147 C CA . ASN A 1 147 ? 16.005  4.593   10.807  1.00 14.14 ? 229 ASN A CA 1 
ATOM 148 C CA . LEU A 1 148 ? 18.439  2.182   12.466  1.00 13.68 ? 230 LEU A CA 1 
ATOM 149 C CA . GLY A 1 149 ? 19.391  4.995   14.833  1.00 19.52 ? 231 GLY A CA 1 
ATOM 150 C CA . THR A 1 150 ? 15.907  4.576   16.397  1.00 17.39 ? 232 THR A CA 1 
ATOM 151 C CA . PRO A 1 151 ? 16.381  1.774   19.007  1.00 17.10 ? 233 PRO A CA 1 
ATOM 152 C CA . LYS A 1 152 ? 12.970  0.180   18.268  1.00 16.44 ? 234 LYS A CA 1 
ATOM 153 C CA . CYS A 1 153 ? 13.947  -0.312  14.592  1.00 10.56 ? 235 CYS A CA 1 
ATOM 154 C CA . ALA A 1 154 ? 17.435  -1.563  15.496  1.00 16.52 ? 236 ALA A CA 1 
ATOM 155 C CA . ASN A 1 155 ? 15.941  -4.147  17.867  1.00 20.07 ? 237 ASN A CA 1 
ATOM 156 C CA . ALA A 1 156 ? 13.280  -5.122  15.287  1.00 14.33 ? 238 ALA A CA 1 
ATOM 157 C CA . GLN A 1 157 ? 15.592  -5.654  12.273  1.00 14.28 ? 239 GLN A CA 1 
ATOM 158 C CA . SER A 1 158 ? 16.179  -9.428  12.571  1.00 14.34 ? 240 SER A CA 1 
ATOM 159 C CA . ALA A 1 159 ? 12.483  -10.087 13.365  1.00 7.40  ? 241 ALA A CA 1 
ATOM 160 C CA . TYR A 1 160 ? 11.440  -8.025  10.296  1.00 7.78  ? 242 TYR A CA 1 
ATOM 161 C CA . LEU A 1 161 ? 13.765  -9.968  7.976   1.00 11.49 ? 243 LEU A CA 1 
ATOM 162 C CA . GLU A 1 162 ? 12.864  -13.400 9.341   1.00 10.82 ? 244 GLU A CA 1 
ATOM 163 C CA . CYS A 1 163 ? 9.118   -12.698 9.102   1.00 11.27 ? 245 CYS A CA 1 
ATOM 164 C CA . ILE A 1 164 ? 9.213   -11.221 5.554   1.00 9.13  ? 246 ILE A CA 1 
ATOM 165 C CA . ASN A 1 165 ? 11.322  -14.214 4.492   1.00 10.07 ? 247 ASN A CA 1 
ATOM 166 C CA . TYR A 1 166 ? 8.561   -16.481 5.874   1.00 11.78 ? 248 TYR A CA 1 
ATOM 167 C CA . ALA A 1 167 ? 5.793   -14.409 4.153   1.00 8.59  ? 249 ALA A CA 1 
ATOM 168 C CA . VAL A 1 168 ? 7.487   -14.363 0.755   1.00 11.47 ? 250 VAL A CA 1 
ATOM 169 C CA . THR A 1 169 ? 8.454   -18.067 0.771   1.00 13.03 ? 251 THR A CA 1 
ATOM 170 C CA . GLN A 1 170 ? 5.073   -19.266 2.088   1.00 11.41 ? 252 GLN A CA 1 
ATOM 171 C CA . LEU A 1 171 ? 2.991   -17.233 -0.323  1.00 13.75 ? 253 LEU A CA 1 
ATOM 172 C CA . ASN A 1 172 ? 5.100   -18.080 -3.371  1.00 11.75 ? 254 ASN A CA 1 
ATOM 173 C CA . LEU A 1 173 ? 2.234   -19.753 -5.203  1.00 9.58  ? 255 LEU A CA 1 
ATOM 174 C CA . PRO A 1 174 ? 1.352   -19.792 -8.986  1.00 17.14 ? 256 PRO A CA 1 
ATOM 175 C CA . ASN A 1 175 ? -1.832  -17.678 -8.607  1.00 15.54 ? 257 ASN A CA 1 
ATOM 176 C CA . VAL A 1 176 ? 0.022   -15.044 -6.452  1.00 12.64 ? 258 VAL A CA 1 
ATOM 177 C CA . ALA A 1 177 ? 2.018   -11.959 -7.408  1.00 8.32  ? 259 ALA A CA 1 
ATOM 178 C CA . MET A 1 178 ? 3.676   -10.099 -4.517  1.00 4.99  ? 260 MET A CA 1 
ATOM 179 C CA . TYR A 1 179 ? 5.262   -6.694  -4.487  1.00 6.53  ? 261 TYR A CA 1 
ATOM 180 C CA . LEU A 1 180 ? 7.467   -5.656  -1.520  1.00 8.68  ? 262 LEU A CA 1 
ATOM 181 C CA . ASP A 1 181 ? 6.875   -2.171  -0.062  1.00 5.73  ? 263 ASP A CA 1 
ATOM 182 C CA . ALA A 1 182 ? 9.735   0.137   -1.051  1.00 8.44  ? 264 ALA A CA 1 
ATOM 183 C CA . GLY A 1 183 ? 8.725   3.498   0.519   1.00 8.81  ? 265 GLY A CA 1 
ATOM 184 C CA . HIS A 1 184 ? 8.673   6.500   -1.853  1.00 7.12  ? 266 HIS A CA 1 
ATOM 185 C CA . ALA A 1 185 ? 10.774  9.172   -3.610  1.00 3.78  ? 267 ALA A CA 1 
ATOM 186 C CA . GLY A 1 186 ? 10.881  11.321  -0.473  1.00 4.13  ? 268 GLY A CA 1 
ATOM 187 C CA . TRP A 1 187 ? 12.217  8.508   1.683   1.00 8.33  ? 269 TRP A CA 1 
ATOM 188 C CA . LEU A 1 188 ? 14.435  6.149   -0.377  1.00 7.76  ? 270 LEU A CA 1 
ATOM 189 C CA . GLY A 1 189 ? 14.543  8.242   -3.525  1.00 9.29  ? 271 GLY A CA 1 
ATOM 190 C CA . TRP A 1 190 ? 17.218  10.622  -2.094  1.00 7.74  ? 272 TRP A CA 1 
ATOM 191 C CA . PRO A 1 191 ? 20.562  9.853   -3.842  1.00 6.87  ? 273 PRO A CA 1 
ATOM 192 C CA . ALA A 1 192 ? 22.226  8.772   -0.559  1.00 11.13 ? 274 ALA A CA 1 
ATOM 193 C CA . ASN A 1 193 ? 19.519  6.131   0.131   1.00 7.87  ? 275 ASN A CA 1 
ATOM 194 C CA . GLN A 1 194 ? 19.148  4.609   -3.313  1.00 6.69  ? 276 GLN A CA 1 
ATOM 195 C CA . ASP A 1 195 ? 21.950  2.014   -3.307  1.00 10.14 ? 277 ASP A CA 1 
ATOM 196 C CA . PRO A 1 196 ? 21.505  1.026   0.438   1.00 7.14  ? 278 PRO A CA 1 
ATOM 197 C CA . ALA A 1 197 ? 17.852  0.416   -0.389  1.00 7.59  ? 279 ALA A CA 1 
ATOM 198 C CA . ALA A 1 198 ? 18.521  -1.492  -3.636  1.00 6.08  ? 280 ALA A CA 1 
ATOM 199 C CA . GLN A 1 199 ? 21.013  -3.629  -1.736  1.00 15.24 ? 281 GLN A CA 1 
ATOM 200 C CA . LEU A 1 200 ? 18.554  -4.596  1.000   1.00 11.71 ? 282 LEU A CA 1 
ATOM 201 C CA . PHE A 1 201 ? 15.672  -5.448  -1.363  1.00 10.64 ? 283 PHE A CA 1 
ATOM 202 C CA . ALA A 1 202 ? 17.897  -7.580  -3.622  1.00 5.74  ? 284 ALA A CA 1 
ATOM 203 C CA . ASN A 1 203 ? 19.218  -9.377  -0.503  1.00 15.77 ? 285 ASN A CA 1 
ATOM 204 C CA . VAL A 1 204 ? 15.662  -10.199 0.612   1.00 15.07 ? 286 VAL A CA 1 
ATOM 205 C CA . TYR A 1 205 ? 14.883  -11.540 -2.869  1.00 9.84  ? 287 TYR A CA 1 
ATOM 206 C CA . LYS A 1 206 ? 18.001  -13.747 -3.083  1.00 8.68  ? 288 LYS A CA 1 
ATOM 207 C CA . ASN A 1 207 ? 17.681  -14.950 0.512   1.00 10.80 ? 289 ASN A CA 1 
ATOM 208 C CA . ALA A 1 208 ? 14.161  -16.134 -0.379  1.00 14.16 ? 290 ALA A CA 1 
ATOM 209 C CA . SER A 1 209 ? 15.649  -18.099 -3.314  1.00 16.50 ? 291 SER A CA 1 
ATOM 210 C CA . SER A 1 210 ? 14.406  -15.685 -5.964  1.00 16.24 ? 292 SER A CA 1 
ATOM 211 C CA . PRO A 1 211 ? 10.641  -16.476 -5.629  1.00 13.73 ? 293 PRO A CA 1 
ATOM 212 C CA . ARG A 1 212 ? 8.830   -16.516 -8.997  1.00 16.99 ? 294 ARG A CA 1 
ATOM 213 C CA . ALA A 1 213 ? 5.783   -14.916 -7.262  1.00 8.19  ? 295 ALA A CA 1 
ATOM 214 C CA . LEU A 1 214 ? 7.794   -11.835 -6.084  1.00 11.73 ? 296 LEU A CA 1 
ATOM 215 C CA . ARG A 1 215 ? 7.247   -9.575  -9.089  1.00 12.39 ? 297 ARG A CA 1 
ATOM 216 C CA . GLY A 1 216 ? 8.898   -6.470  -7.674  1.00 8.54  ? 298 GLY A CA 1 
ATOM 217 C CA . LEU A 1 217 ? 8.265   -3.411  -5.553  1.00 6.51  ? 299 LEU A CA 1 
ATOM 218 C CA . ALA A 1 218 ? 5.317   -1.165  -4.543  1.00 5.48  ? 300 ALA A CA 1 
ATOM 219 C CA . THR A 1 219 ? 5.911   2.578   -3.992  1.00 7.35  ? 301 THR A CA 1 
ATOM 220 C CA . ASN A 1 220 ? 4.039   5.601   -2.573  1.00 7.34  ? 302 ASN A CA 1 
ATOM 221 C CA . VAL A 1 221 ? 1.724   3.347   -0.459  1.00 6.87  ? 303 VAL A CA 1 
ATOM 222 C CA . ALA A 1 222 ? -0.520  5.529   1.717   1.00 2.98  ? 304 ALA A CA 1 
ATOM 223 C CA . ASN A 1 223 ? 1.490   8.534   0.550   1.00 7.29  ? 305 ASN A CA 1 
ATOM 224 C CA . TYR A 1 224 ? 0.785   11.489  -1.733  1.00 9.34  ? 306 TYR A CA 1 
ATOM 225 C CA . ASN A 1 225 ? 3.618   11.896  -4.287  1.00 5.39  ? 307 ASN A CA 1 
ATOM 226 C CA . GLY A 1 226 ? 2.897   12.508  -7.984  1.00 2.00  ? 308 GLY A CA 1 
ATOM 227 C CA . TRP A 1 227 ? 3.770   9.810   -10.545 1.00 8.02  ? 309 TRP A CA 1 
ATOM 228 C CA . ASN A 1 228 ? 5.120   12.109  -13.206 1.00 6.70  ? 310 ASN A CA 1 
ATOM 229 C CA . ILE A 1 229 ? 4.708   15.787  -12.207 1.00 9.69  ? 311 ILE A CA 1 
ATOM 230 C CA . THR A 1 230 ? 6.948   18.040  -14.246 1.00 19.69 ? 312 THR A CA 1 
ATOM 231 C CA . SER A 1 231 ? 7.784   20.725  -11.672 1.00 21.98 ? 313 SER A CA 1 
ATOM 232 C CA . PRO A 1 232 ? 9.358   20.096  -8.219  1.00 18.23 ? 314 PRO A CA 1 
ATOM 233 C CA . PRO A 1 233 ? 6.986   20.886  -5.273  1.00 11.62 ? 315 PRO A CA 1 
ATOM 234 C CA . SER A 1 234 ? 8.523   23.280  -2.710  1.00 16.70 ? 316 SER A CA 1 
ATOM 235 C CA . TYR A 1 235 ? 8.697   20.588  0.031   1.00 11.17 ? 317 TYR A CA 1 
ATOM 236 C CA . THR A 1 236 ? 10.893  18.427  -2.218  1.00 15.78 ? 318 THR A CA 1 
ATOM 237 C CA . GLN A 1 237 ? 13.835  20.962  -2.087  1.00 26.14 ? 319 GLN A CA 1 
ATOM 238 C CA . GLY A 1 238 ? 17.169  19.227  -2.488  1.00 22.73 ? 320 GLY A CA 1 
ATOM 239 C CA . ASN A 1 239 ? 15.917  15.967  -4.001  1.00 12.14 ? 321 ASN A CA 1 
ATOM 240 C CA . ALA A 1 240 ? 16.356  15.496  -7.720  1.00 12.32 ? 322 ALA A CA 1 
ATOM 241 C CA . VAL A 1 241 ? 13.965  12.500  -7.455  1.00 9.94  ? 323 VAL A CA 1 
ATOM 242 C CA . TYR A 1 242 ? 10.777  14.435  -6.696  1.00 8.59  ? 324 TYR A CA 1 
ATOM 243 C CA . ASN A 1 243 ? 8.154   12.054  -8.191  1.00 6.43  ? 325 ASN A CA 1 
ATOM 244 C CA . GLU A 1 244 ? 7.676   8.272   -8.399  1.00 4.44  ? 326 GLU A CA 1 
ATOM 245 C CA . LYS A 1 245 ? 8.652   7.831   -12.081 1.00 5.26  ? 327 LYS A CA 1 
ATOM 246 C CA . LEU A 1 246 ? 12.131  9.202   -11.332 1.00 6.87  ? 328 LEU A CA 1 
ATOM 247 C CA . TYR A 1 247 ? 12.447  7.020   -8.204  1.00 7.40  ? 329 TYR A CA 1 
ATOM 248 C CA . ILE A 1 248 ? 11.457  3.810   -9.984  1.00 9.89  ? 330 ILE A CA 1 
ATOM 249 C CA . HIS A 1 249 ? 13.933  4.503   -12.795 1.00 10.12 ? 331 HIS A CA 1 
ATOM 250 C CA . ALA A 1 250 ? 16.708  5.328   -10.332 1.00 10.92 ? 332 ALA A CA 1 
ATOM 251 C CA . ILE A 1 251 ? 16.553  2.136   -8.166  1.00 14.28 ? 333 ILE A CA 1 
ATOM 252 C CA . GLY A 1 252 ? 15.515  -0.300  -10.910 1.00 11.11 ? 334 GLY A CA 1 
ATOM 253 C CA . PRO A 1 253 ? 19.042  -0.393  -12.463 1.00 13.13 ? 335 PRO A CA 1 
ATOM 254 C CA . LEU A 1 254 ? 20.688  -0.701  -9.029  1.00 12.96 ? 336 LEU A CA 1 
ATOM 255 C CA . LEU A 1 255 ? 18.503  -3.694  -8.092  1.00 11.98 ? 337 LEU A CA 1 
ATOM 256 C CA . ALA A 1 256 ? 19.820  -5.397  -11.240 1.00 17.45 ? 338 ALA A CA 1 
ATOM 257 C CA . ASN A 1 257 ? 23.393  -4.547  -10.104 1.00 21.19 ? 339 ASN A CA 1 
ATOM 258 C CA . HIS A 1 258 ? 22.730  -6.315  -6.806  1.00 17.93 ? 340 HIS A CA 1 
ATOM 259 C CA . GLY A 1 259 ? 21.265  -9.550  -8.202  1.00 15.32 ? 341 GLY A CA 1 
ATOM 260 C CA . TRP A 1 260 ? 17.531  -8.704  -8.580  1.00 16.91 ? 342 TRP A CA 1 
ATOM 261 C CA . SER A 1 261 ? 17.032  -8.401  -12.281 1.00 25.54 ? 343 SER A CA 1 
ATOM 262 C CA . ASN A 1 262 ? 13.542  -8.068  -13.780 1.00 24.50 ? 344 ASN A CA 1 
ATOM 263 C CA . ALA A 1 263 ? 12.009  -6.215  -10.862 1.00 13.46 ? 345 ALA A CA 1 
ATOM 264 C CA . PHE A 1 264 ? 8.838   -4.347  -11.886 1.00 6.75  ? 346 PHE A CA 1 
ATOM 265 C CA . PHE A 1 265 ? 6.797   -1.799  -9.929  1.00 8.09  ? 347 PHE A CA 1 
ATOM 266 C CA . ILE A 1 266 ? 3.341   -0.612  -8.885  1.00 6.51  ? 348 ILE A CA 1 
ATOM 267 C CA . THR A 1 267 ? 2.646   2.904   -7.496  1.00 6.10  ? 349 THR A CA 1 
ATOM 268 C CA . ASP A 1 268 ? -0.174  4.119   -5.313  1.00 7.79  ? 350 ASP A CA 1 
ATOM 269 C CA . GLN A 1 269 ? -1.941  7.148   -6.865  1.00 6.22  ? 351 GLN A CA 1 
ATOM 270 C CA . GLY A 1 270 ? -5.075  7.064   -4.691  1.00 7.22  ? 352 GLY A CA 1 
ATOM 271 C CA . ARG A 1 271 ? -4.372  10.443  -2.938  1.00 2.56  ? 353 ARG A CA 1 
ATOM 272 C CA . SER A 1 272 ? -2.066  12.004  -5.543  1.00 5.34  ? 354 SER A CA 1 
ATOM 273 C CA . GLY A 1 273 ? -4.473  13.865  -7.899  1.00 4.49  ? 355 GLY A CA 1 
ATOM 274 C CA . LYS A 1 274 ? -3.784  17.346  -6.552  1.00 10.92 ? 356 LYS A CA 1 
ATOM 275 C CA . GLN A 1 275 ? -0.169  18.410  -6.935  1.00 9.97  ? 357 GLN A CA 1 
ATOM 276 C CA . PRO A 1 276 ? 1.406   20.102  -5.029  1.00 12.71 ? 358 PRO A CA 1 
ATOM 277 C CA . THR A 1 277 ? -0.353  18.846  -1.930  1.00 11.44 ? 359 THR A CA 1 
ATOM 278 C CA . GLY A 1 278 ? -0.872  20.990  1.206   1.00 7.35  ? 360 GLY A CA 1 
ATOM 279 C CA . GLN A 1 279 ? 2.101   19.491  3.131   1.00 13.69 ? 361 GLN A CA 1 
ATOM 280 C CA . GLN A 1 280 ? 4.547   21.934  4.628   1.00 23.23 ? 362 GLN A CA 1 
ATOM 281 C CA . GLN A 1 281 ? 7.159   19.158  4.989   1.00 20.68 ? 363 GLN A CA 1 
ATOM 282 C CA . TRP A 1 282 ? 7.501   16.044  2.785   1.00 10.50 ? 364 TRP A CA 1 
ATOM 283 C CA . GLY A 1 283 ? 7.581   13.909  5.938   1.00 9.17  ? 365 GLY A CA 1 
ATOM 284 C CA . ASP A 1 284 ? 3.950   14.858  6.867   1.00 9.64  ? 366 ASP A CA 1 
ATOM 285 C CA . TRP A 1 285 ? 1.864   11.829  6.231   1.00 9.69  ? 367 TRP A CA 1 
ATOM 286 C CA . CYS A 1 286 ? -1.270  12.168  8.388   1.00 7.07  ? 368 CYS A CA 1 
ATOM 287 C CA . ASN A 1 287 ? -4.573  13.166  6.759   1.00 8.03  ? 369 ASN A CA 1 
ATOM 288 C CA . VAL A 1 288 ? -2.903  15.739  4.554   1.00 9.54  ? 370 VAL A CA 1 
ATOM 289 C CA . ILE A 1 289 ? -4.805  18.773  3.461   1.00 16.70 ? 371 ILE A CA 1 
ATOM 290 C CA . GLY A 1 290 ? -5.306  19.713  -0.196  1.00 5.00  ? 372 GLY A CA 1 
ATOM 291 C CA . THR A 1 291 ? -5.125  16.218  -1.709  1.00 4.95  ? 373 THR A CA 1 
ATOM 292 C CA . GLY A 1 292 ? -7.475  14.580  -4.247  1.00 7.33  ? 374 GLY A CA 1 
ATOM 293 C CA . PHE A 1 293 ? -8.158  11.146  -5.775  1.00 7.85  ? 375 PHE A CA 1 
ATOM 294 C CA . GLY A 1 294 ? -5.520  10.499  -8.490  1.00 4.13  ? 376 GLY A CA 1 
ATOM 295 C CA . ILE A 1 295 ? -4.705  8.440   -11.601 1.00 9.32  ? 377 ILE A CA 1 
ATOM 296 C CA . ARG A 1 296 ? -7.124  5.552   -11.860 1.00 10.40 ? 378 ARG A CA 1 
ATOM 297 C CA . PRO A 1 297 ? -5.949  1.896   -11.655 1.00 4.48  ? 379 PRO A CA 1 
ATOM 298 C CA . SER A 1 298 ? -4.550  0.824   -15.031 1.00 11.32 ? 380 SER A CA 1 
ATOM 299 C CA . ALA A 1 299 ? -1.841  -1.331  -16.581 1.00 10.19 ? 381 ALA A CA 1 
ATOM 300 C CA . ASN A 1 300 ? -1.393  1.007   -19.619 1.00 19.06 ? 382 ASN A CA 1 
ATOM 301 C CA . THR A 1 301 ? 1.257   3.036   -17.939 1.00 11.03 ? 383 THR A CA 1 
ATOM 302 C CA . GLY A 1 302 ? 3.419   4.216   -20.874 1.00 12.79 ? 384 GLY A CA 1 
ATOM 303 C CA . ASP A 1 303 ? 6.462   3.094   -18.854 1.00 11.81 ? 385 ASP A CA 1 
ATOM 304 C CA . SER A 1 304 ? 8.910   0.136   -19.079 1.00 17.20 ? 386 SER A CA 1 
ATOM 305 C CA . LEU A 1 305 ? 9.073   -0.504  -15.339 1.00 9.68  ? 387 LEU A CA 1 
ATOM 306 C CA . LEU A 1 306 ? 5.536   0.272   -14.039 1.00 5.59  ? 388 LEU A CA 1 
ATOM 307 C CA . ASP A 1 307 ? 3.141   -2.669  -14.131 1.00 6.98  ? 389 ASP A CA 1 
ATOM 308 C CA . SER A 1 308 ? 0.188   -0.643  -12.941 1.00 7.57  ? 390 SER A CA 1 
ATOM 309 C CA . PHE A 1 309 ? -1.177  2.465   -11.330 1.00 9.51  ? 391 PHE A CA 1 
ATOM 310 C CA . VAL A 1 310 ? -3.025  1.188   -8.209  1.00 2.45  ? 392 VAL A CA 1 
ATOM 311 C CA . TRP A 1 311 ? -5.010  2.648   -5.256  1.00 6.97  ? 393 TRP A CA 1 
ATOM 312 C CA . VAL A 1 312 ? -3.595  0.835   -2.176  1.00 8.05  ? 394 VAL A CA 1 
ATOM 313 C CA . LYS A 1 313 ? -4.585  3.108   0.758   1.00 9.61  ? 395 LYS A CA 1 
ATOM 314 C CA . PRO A 1 314 ? -8.404  3.560   0.550   1.00 11.29 ? 396 PRO A CA 1 
ATOM 315 C CA . GLY A 1 315 ? -9.345  7.232   0.202   1.00 5.17  ? 397 GLY A CA 1 
ATOM 316 C CA . GLY A 1 316 ? -11.625 8.320   3.046   1.00 7.94  ? 398 GLY A CA 1 
ATOM 317 C CA . GLU A 1 317 ? -10.220 5.821   5.629   1.00 13.15 ? 399 GLU A CA 1 
ATOM 318 C CA . CYS A 1 318 ? -8.359  7.661   8.369   1.00 5.74  ? 400 CYS A CA 1 
ATOM 319 C CA . ASP A 1 319 ? -4.553  7.630   8.931   1.00 6.83  ? 401 ASP A CA 1 
ATOM 320 C CA . GLY A 1 320 ? -4.804  8.486   12.650  1.00 3.91  ? 402 GLY A CA 1 
ATOM 321 C CA . THR A 1 321 ? -6.724  10.542  15.223  1.00 11.41 ? 403 THR A CA 1 
ATOM 322 C CA . SER A 1 322 ? -6.176  14.195  16.116  1.00 11.36 ? 404 SER A CA 1 
ATOM 323 C CA . ASP A 1 323 ? -7.440  13.570  19.681  1.00 15.66 ? 405 ASP A CA 1 
ATOM 324 C CA . SER A 1 324 ? -4.679  14.349  22.169  1.00 20.74 ? 406 SER A CA 1 
ATOM 325 C CA . SER A 1 325 ? -6.131  12.105  24.890  1.00 20.09 ? 407 SER A CA 1 
ATOM 326 C CA . ALA A 1 326 ? -6.480  9.054   22.651  1.00 20.47 ? 408 ALA A CA 1 
ATOM 327 C CA . PRO A 1 327 ? -4.502  5.844   22.909  1.00 34.12 ? 409 PRO A CA 1 
ATOM 328 C CA . ARG A 1 328 ? -2.239  5.658   19.872  1.00 30.77 ? 410 ARG A CA 1 
ATOM 329 C CA . PHE A 1 329 ? -2.245  9.488   19.399  1.00 18.84 ? 411 PHE A CA 1 
ATOM 330 C CA . ASP A 1 330 ? 0.474   10.526  16.969  1.00 14.05 ? 412 ASP A CA 1 
ATOM 331 C CA . SER A 1 331 ? 1.159   14.270  16.953  1.00 15.91 ? 413 SER A CA 1 
ATOM 332 C CA . HIS A 1 332 ? 1.760   14.227  13.147  1.00 13.26 ? 414 HIS A CA 1 
ATOM 333 C CA . CYS A 1 333 ? -2.048  14.084  12.927  1.00 8.06  ? 415 CYS A CA 1 
ATOM 334 C CA . ALA A 1 334 ? -2.406  17.325  14.916  1.00 10.24 ? 416 ALA A CA 1 
ATOM 335 C CA . LEU A 1 335 ? -0.177  19.402  12.608  1.00 12.95 ? 417 LEU A CA 1 
ATOM 336 C CA . PRO A 1 336 ? -1.555  22.504  10.703  1.00 15.67 ? 418 PRO A CA 1 
ATOM 337 C CA . ASP A 1 337 ? -1.472  20.600  7.395   1.00 11.60 ? 419 ASP A CA 1 
ATOM 338 C CA . ALA A 1 338 ? -3.444  17.629  8.781   1.00 10.19 ? 420 ALA A CA 1 
ATOM 339 C CA . LEU A 1 339 ? -7.268  17.784  8.477   1.00 11.04 ? 421 LEU A CA 1 
ATOM 340 C CA . GLN A 1 340 ? -8.860  17.902  11.922  1.00 10.27 ? 422 GLN A CA 1 
ATOM 341 C CA . PRO A 1 341 ? -10.878 16.638  13.751  1.00 6.59  ? 423 PRO A CA 1 
ATOM 342 C CA . ALA A 1 342 ? -9.941  13.131  12.642  1.00 4.26  ? 424 ALA A CA 1 
ATOM 343 C CA . PRO A 1 343 ? -11.266 9.737   13.971  1.00 8.54  ? 425 PRO A CA 1 
ATOM 344 C CA . GLN A 1 344 ? -9.095  6.748   14.856  1.00 18.89 ? 426 GLN A CA 1 
ATOM 345 C CA . ALA A 1 345 ? -6.842  5.113   12.246  1.00 12.86 ? 427 ALA A CA 1 
ATOM 346 C CA . GLY A 1 346 ? -8.790  3.018   9.735   1.00 13.05 ? 428 GLY A CA 1 
ATOM 347 C CA . ALA A 1 347 ? -12.183 4.551   10.687  1.00 12.77 ? 429 ALA A CA 1 
ATOM 348 C CA . TRP A 1 348 ? -14.230 6.528   8.124   1.00 8.92  ? 430 TRP A CA 1 
ATOM 349 C CA . PHE A 1 349 ? -13.364 10.203  7.868   1.00 13.56 ? 431 PHE A CA 1 
ATOM 350 C CA . GLN A 1 350 ? -16.158 11.868  5.888   1.00 7.97  ? 432 GLN A CA 1 
ATOM 351 C CA . ALA A 1 351 ? -14.595 15.359  5.578   1.00 5.96  ? 433 ALA A CA 1 
ATOM 352 C CA . TYR A 1 352 ? -11.413 13.769  4.211   1.00 4.40  ? 434 TYR A CA 1 
ATOM 353 C CA . PHE A 1 353 ? -13.428 11.716  1.670   1.00 10.27 ? 435 PHE A CA 1 
ATOM 354 C CA . VAL A 1 354 ? -15.215 14.889  0.489   1.00 9.73  ? 436 VAL A CA 1 
ATOM 355 C CA . GLN A 1 355 ? -11.839 16.694  0.164   1.00 7.96  ? 437 GLN A CA 1 
ATOM 356 C CA . LEU A 1 356 ? -10.480 13.860  -2.000  1.00 6.09  ? 438 LEU A CA 1 
ATOM 357 C CA . LEU A 1 357 ? -13.647 13.805  -4.129  1.00 14.14 ? 439 LEU A CA 1 
ATOM 358 C CA . THR A 1 358 ? -13.656 17.623  -4.640  1.00 17.06 ? 440 THR A CA 1 
ATOM 359 C CA . ASN A 1 359 ? -9.965  17.745  -5.638  1.00 11.81 ? 441 ASN A CA 1 
ATOM 360 C CA . ALA A 1 360 ? -9.865  14.591  -7.788  1.00 9.23  ? 442 ALA A CA 1 
ATOM 361 C CA . ASN A 1 361 ? -7.937  14.615  -11.059 1.00 15.75 ? 443 ASN A CA 1 
ATOM 362 C CA . PRO A 1 362 ? -9.240  12.930  -13.128 1.00 11.58 ? 444 PRO A CA 1 
ATOM 363 C CA . SER A 1 363 ? -12.538 14.353  -11.898 1.00 12.20 ? 445 SER A CA 1 
ATOM 364 C CA . PHE A 1 364 ? -15.483 12.267  -10.734 1.00 13.36 ? 446 PHE A CA 1 
ATOM 365 C CA . LEU A 1 365 ? -17.797 15.256  -10.952 1.00 22.64 ? 447 LEU A CA 1 
# 
